data_4QJ0
#
_entry.id   4QJ0
#
_cell.length_a   77.510
_cell.length_b   74.242
_cell.length_c   91.416
_cell.angle_alpha   90.00
_cell.angle_beta   108.87
_cell.angle_gamma   90.00
#
_symmetry.space_group_name_H-M   'P 1 21 1'
#
loop_
_entity.id
_entity.type
_entity.pdbx_description
1 polymer 'Carbonic anhydrase 12'
2 non-polymer 'ZINC ION'
3 non-polymer 1,2-ETHANEDIOL
4 non-polymer 2,3,6-trifluoro-5-{[(1R,2S)-2-hydroxy-1,2-diphenylethyl]amino}-4-[(2-hydroxyethyl)sulfonyl]benzenesulfonamide
5 water water
#
_entity_poly.entity_id   1
_entity_poly.type   'polypeptide(L)'
_entity_poly.pdbx_seq_one_letter_code
;MSKWTYFGPDGENSWSKKYPSCGGLLQSPIDLHSDILQYDASLTPLEFQGYNLSANKQFLLTNNGHSVKLNLPSDMHIQG
LQSRYSATQLHLHWGNPNDPHGSEHTVSGQHFAAELHIVHYNSDLYPDASTASNKSEGLAVLAVLIEMGSFNPSYDKIFS
HLQHVKYKGQEAFVPGFNIEELLPERTAEYYRYRGSLTTPPCNPTVLWTVFRNPVQISQEQLLALETALYCTHMDDPSPR
EMINNFRQVQKFDERLVYTSFSQ
;
_entity_poly.pdbx_strand_id   A,B,C,D
#
loop_
_chem_comp.id
_chem_comp.type
_chem_comp.name
_chem_comp.formula
EDO non-polymer 1,2-ETHANEDIOL 'C2 H6 O2'
WWX non-polymer 2,3,6-trifluoro-5-{[(1R,2S)-2-hydroxy-1,2-diphenylethyl]amino}-4-[(2-hydroxyethyl)sulfonyl]benzenesulfonamide 'C22 H21 F3 N2 O6 S2'
ZN non-polymer 'ZINC ION' 'Zn 2'
#
# COMPACT_ATOMS: atom_id res chain seq x y z
N LYS A 3 29.62 13.06 14.48
CA LYS A 3 29.25 13.40 13.08
C LYS A 3 27.96 14.24 13.04
N TRP A 4 26.82 13.58 13.25
CA TRP A 4 25.53 14.24 13.01
C TRP A 4 25.05 14.99 14.22
N THR A 5 24.22 16.01 14.01
CA THR A 5 23.66 16.84 15.08
C THR A 5 22.18 17.06 14.84
N TYR A 6 21.50 17.67 15.81
CA TYR A 6 20.14 18.09 15.68
C TYR A 6 20.05 19.56 15.30
N PHE A 7 21.20 20.24 15.28
CA PHE A 7 21.19 21.67 15.00
C PHE A 7 22.07 21.94 13.78
N GLY A 8 21.91 23.05 13.05
CA GLY A 8 23.00 23.60 12.16
C GLY A 8 23.29 22.81 10.88
N PRO A 9 24.53 22.85 10.36
CA PRO A 9 24.95 22.26 9.07
C PRO A 9 24.90 20.75 8.97
N ASP A 10 24.98 20.11 10.14
CA ASP A 10 25.02 18.67 10.19
C ASP A 10 23.66 18.19 10.69
N GLY A 11 22.69 19.14 10.58
CA GLY A 11 21.26 18.99 11.08
C GLY A 11 20.45 17.94 10.29
N GLU A 12 19.20 17.69 10.73
CA GLU A 12 18.47 16.60 10.16
C GLU A 12 18.24 16.57 8.65
N ASN A 13 18.15 17.75 8.03
CA ASN A 13 18.04 17.74 6.59
C ASN A 13 19.29 17.21 5.83
N SER A 14 20.42 17.14 6.54
N SER A 14 20.43 17.16 6.53
CA SER A 14 21.69 16.68 5.91
CA SER A 14 21.68 16.67 5.87
C SER A 14 22.06 15.26 6.37
C SER A 14 21.96 15.20 6.26
N TRP A 15 21.23 14.64 7.23
CA TRP A 15 21.53 13.21 7.66
C TRP A 15 21.64 12.23 6.50
N SER A 16 20.83 12.39 5.45
CA SER A 16 20.79 11.48 4.36
C SER A 16 22.06 11.43 3.52
N LYS A 17 22.95 12.39 3.63
N LYS A 17 22.91 12.44 3.69
CA LYS A 17 24.21 12.26 2.86
CA LYS A 17 24.18 12.45 2.95
C LYS A 17 24.97 11.02 3.35
C LYS A 17 25.08 11.34 3.38
N LYS A 18 25.21 11.01 4.65
N LYS A 18 25.20 11.15 4.71
CA LYS A 18 26.04 9.94 5.21
CA LYS A 18 26.01 10.02 5.20
C LYS A 18 25.22 8.73 5.65
C LYS A 18 25.18 8.74 5.44
N TYR A 19 23.90 8.96 5.77
CA TYR A 19 22.98 7.89 6.27
C TYR A 19 21.81 7.76 5.34
N PRO A 20 21.96 6.99 4.27
CA PRO A 20 20.99 7.05 3.19
C PRO A 20 19.58 6.65 3.60
N SER A 21 19.43 5.79 4.61
CA SER A 21 18.09 5.42 5.02
C SER A 21 17.33 6.61 5.63
N CYS A 22 18.00 7.69 6.04
CA CYS A 22 17.30 8.91 6.54
C CYS A 22 16.40 9.55 5.46
N GLY A 23 16.71 9.22 4.21
CA GLY A 23 15.91 9.70 3.02
C GLY A 23 15.11 8.62 2.38
N GLY A 24 14.97 7.48 3.02
CA GLY A 24 14.23 6.35 2.47
C GLY A 24 12.86 6.18 3.04
N LEU A 25 12.41 4.93 2.98
CA LEU A 25 11.08 4.61 3.33
C LEU A 25 10.91 4.45 4.85
N LEU A 26 9.64 4.56 5.23
CA LEU A 26 9.14 4.13 6.55
C LEU A 26 9.75 5.02 7.69
N GLN A 27 9.96 6.29 7.42
CA GLN A 27 10.64 7.12 8.39
C GLN A 27 9.72 7.60 9.52
N SER A 28 10.31 7.67 10.74
CA SER A 28 9.65 8.15 11.97
C SER A 28 10.38 9.41 12.42
N PRO A 29 9.82 10.23 13.28
CA PRO A 29 8.48 10.07 13.81
C PRO A 29 7.38 10.67 12.89
N ILE A 30 6.14 10.53 13.33
CA ILE A 30 4.98 10.93 12.52
C ILE A 30 3.94 11.58 13.44
N ASP A 31 3.01 12.29 12.79
CA ASP A 31 1.89 12.85 13.48
C ASP A 31 0.84 11.78 13.55
N LEU A 32 0.33 11.57 14.75
CA LEU A 32 -0.75 10.56 14.98
C LEU A 32 -2.09 11.28 14.97
N HIS A 33 -2.87 11.16 13.90
CA HIS A 33 -4.11 11.99 13.85
C HIS A 33 -5.22 11.17 13.37
N SER A 34 -6.45 11.59 13.69
CA SER A 34 -7.54 10.62 13.62
C SER A 34 -7.83 10.07 12.23
N ASP A 35 -7.52 10.85 11.17
CA ASP A 35 -7.69 10.42 9.77
C ASP A 35 -7.04 9.10 9.43
N ILE A 36 -5.93 8.81 10.13
CA ILE A 36 -5.07 7.67 9.81
C ILE A 36 -5.13 6.61 10.92
N LEU A 37 -5.97 6.82 11.91
CA LEU A 37 -6.11 5.82 12.99
C LEU A 37 -7.05 4.68 12.59
N GLN A 38 -6.63 3.46 12.86
CA GLN A 38 -7.56 2.34 12.70
C GLN A 38 -7.46 1.34 13.85
N TYR A 39 -8.60 1.06 14.51
CA TYR A 39 -8.65 0.13 15.59
C TYR A 39 -8.29 -1.26 15.08
N ASP A 40 -7.46 -1.97 15.83
CA ASP A 40 -7.17 -3.30 15.49
C ASP A 40 -7.26 -4.12 16.76
N ALA A 41 -8.26 -5.01 16.80
CA ALA A 41 -8.47 -5.98 17.91
C ALA A 41 -7.34 -6.93 18.20
N SER A 42 -6.40 -7.09 17.27
CA SER A 42 -5.25 -7.94 17.53
C SER A 42 -4.26 -7.33 18.50
N LEU A 43 -4.43 -6.03 18.79
CA LEU A 43 -3.46 -5.34 19.63
C LEU A 43 -3.73 -5.51 21.10
N THR A 44 -3.29 -6.65 21.61
CA THR A 44 -3.51 -6.97 22.99
C THR A 44 -2.44 -6.31 23.91
N PRO A 45 -2.59 -6.39 25.24
CA PRO A 45 -1.65 -5.71 26.11
C PRO A 45 -0.29 -6.36 26.12
N LEU A 46 0.74 -5.53 26.11
CA LEU A 46 2.12 -6.09 26.23
C LEU A 46 2.34 -6.38 27.71
N GLU A 47 3.26 -7.31 27.99
CA GLU A 47 3.65 -7.64 29.33
C GLU A 47 5.10 -7.24 29.46
N PHE A 48 5.42 -6.53 30.53
CA PHE A 48 6.73 -6.01 30.74
C PHE A 48 7.42 -6.87 31.78
N GLN A 49 8.39 -7.65 31.32
CA GLN A 49 8.98 -8.75 32.15
C GLN A 49 10.41 -8.33 32.52
N GLY A 50 10.79 -8.51 33.80
CA GLY A 50 12.12 -8.17 34.17
C GLY A 50 12.38 -6.67 34.29
N TYR A 51 11.31 -5.90 34.31
CA TYR A 51 11.42 -4.41 34.42
C TYR A 51 11.76 -3.94 35.81
N ASN A 52 11.48 -4.80 36.80
CA ASN A 52 11.76 -4.41 38.18
C ASN A 52 13.21 -4.69 38.46
N LEU A 53 14.09 -3.79 38.09
CA LEU A 53 15.53 -4.01 38.16
C LEU A 53 16.06 -4.11 39.59
N SER A 54 16.90 -5.13 39.79
CA SER A 54 17.49 -5.34 41.09
C SER A 54 18.10 -4.03 41.59
N ALA A 55 17.64 -3.54 42.72
CA ALA A 55 18.31 -2.39 43.36
C ALA A 55 19.76 -2.67 43.87
N ASN A 56 20.15 -3.95 43.84
CA ASN A 56 21.56 -4.37 44.02
C ASN A 56 22.46 -4.35 42.79
N LYS A 57 21.92 -3.90 41.64
CA LYS A 57 22.67 -3.83 40.41
C LYS A 57 22.67 -2.36 40.08
N GLN A 58 23.72 -1.92 39.38
CA GLN A 58 23.79 -0.56 38.86
C GLN A 58 23.84 -0.54 37.38
N PHE A 59 23.25 0.52 36.82
CA PHE A 59 23.05 0.67 35.41
C PHE A 59 23.67 1.96 34.92
N LEU A 60 24.42 1.83 33.84
CA LEU A 60 25.18 2.99 33.43
C LEU A 60 24.36 4.06 32.67
N LEU A 61 24.44 5.29 33.14
CA LEU A 61 23.86 6.47 32.52
C LEU A 61 24.94 7.22 31.74
N THR A 62 24.72 7.51 30.46
CA THR A 62 25.73 8.18 29.64
C THR A 62 25.18 9.43 28.97
N ASN A 63 25.97 10.48 28.91
CA ASN A 63 25.66 11.59 27.95
C ASN A 63 26.47 11.29 26.69
N ASN A 64 25.78 11.06 25.57
CA ASN A 64 26.48 10.64 24.36
C ASN A 64 26.54 11.76 23.32
N GLY A 65 26.19 12.95 23.77
CA GLY A 65 26.29 14.15 22.96
C GLY A 65 25.00 14.38 22.16
N HIS A 66 24.16 13.35 22.11
CA HIS A 66 22.80 13.47 21.47
C HIS A 66 21.66 13.44 22.41
N SER A 67 21.77 12.64 23.48
CA SER A 67 20.72 12.54 24.49
C SER A 67 21.43 12.01 25.75
N VAL A 68 20.60 11.69 26.75
CA VAL A 68 21.08 10.95 27.91
C VAL A 68 20.44 9.57 27.83
N LYS A 69 21.26 8.54 27.99
CA LYS A 69 20.80 7.20 27.85
C LYS A 69 21.18 6.37 29.03
N LEU A 70 20.23 5.48 29.42
CA LEU A 70 20.48 4.50 30.51
C LEU A 70 20.62 3.11 29.89
N ASN A 71 21.70 2.36 30.17
CA ASN A 71 21.81 0.99 29.67
C ASN A 71 20.89 0.11 30.43
N LEU A 72 20.27 -0.85 29.73
CA LEU A 72 19.31 -1.76 30.39
C LEU A 72 19.78 -3.16 30.13
N PRO A 73 19.39 -4.11 31.03
CA PRO A 73 19.86 -5.50 30.88
C PRO A 73 19.01 -6.32 29.91
N SER A 74 19.65 -7.21 29.19
CA SER A 74 18.88 -8.03 28.23
C SER A 74 17.87 -9.00 28.90
N ASP A 75 17.98 -9.22 30.21
CA ASP A 75 16.90 -10.04 30.83
C ASP A 75 15.58 -9.27 30.93
N MET A 76 15.65 -7.98 30.67
CA MET A 76 14.47 -7.17 30.60
C MET A 76 13.83 -7.30 29.23
N HIS A 77 12.56 -7.65 29.17
CA HIS A 77 11.91 -7.82 27.83
C HIS A 77 10.45 -7.61 27.74
N ILE A 78 10.01 -7.42 26.51
CA ILE A 78 8.58 -7.38 26.23
C ILE A 78 8.06 -8.72 25.81
N GLN A 79 6.94 -9.11 26.42
CA GLN A 79 6.24 -10.33 26.02
C GLN A 79 4.95 -9.87 25.34
N GLY A 80 4.53 -10.53 24.28
CA GLY A 80 3.30 -10.10 23.60
C GLY A 80 3.49 -9.93 22.10
N LEU A 81 4.73 -9.64 21.72
CA LEU A 81 5.01 -9.60 20.30
C LEU A 81 5.31 -11.02 19.74
N GLN A 82 5.54 -11.07 18.43
CA GLN A 82 5.80 -12.30 17.65
C GLN A 82 7.00 -13.04 18.30
N SER A 83 8.04 -12.23 18.46
CA SER A 83 9.31 -12.65 19.02
C SER A 83 9.48 -11.96 20.36
N ARG A 84 10.36 -12.47 21.23
CA ARG A 84 10.83 -11.67 22.40
C ARG A 84 11.72 -10.55 21.98
N TYR A 85 11.41 -9.35 22.52
CA TYR A 85 12.28 -8.22 22.31
C TYR A 85 12.88 -7.82 23.63
N SER A 86 14.19 -7.81 23.69
CA SER A 86 14.89 -7.56 24.95
C SER A 86 15.39 -6.11 25.04
N ALA A 87 15.37 -5.53 26.24
CA ALA A 87 15.80 -4.13 26.39
C ALA A 87 17.30 -3.96 26.16
N THR A 88 17.66 -2.82 25.58
CA THR A 88 19.04 -2.41 25.49
C THR A 88 19.34 -1.06 26.14
N GLN A 89 18.43 -0.08 26.02
N GLN A 89 18.44 -0.12 26.02
CA GLN A 89 18.64 1.23 26.63
CA GLN A 89 18.59 1.21 26.62
C GLN A 89 17.30 2.02 26.62
C GLN A 89 17.31 2.05 26.62
N LEU A 90 17.27 3.05 27.45
CA LEU A 90 16.26 4.08 27.34
C LEU A 90 16.92 5.43 27.21
N HIS A 91 16.18 6.38 26.65
CA HIS A 91 16.69 7.76 26.48
C HIS A 91 15.54 8.72 26.28
N LEU A 92 15.82 10.03 26.23
CA LEU A 92 14.72 10.99 26.07
C LEU A 92 15.02 12.01 24.95
N HIS A 93 13.97 12.73 24.58
CA HIS A 93 14.02 13.80 23.53
C HIS A 93 13.22 14.93 24.10
N TRP A 94 13.71 16.18 23.91
CA TRP A 94 13.01 17.32 24.53
C TRP A 94 13.23 18.58 23.73
N GLY A 95 12.59 19.65 24.13
CA GLY A 95 12.66 20.97 23.39
C GLY A 95 13.65 21.91 24.14
N ASN A 96 13.13 23.09 24.49
CA ASN A 96 13.99 24.06 25.20
C ASN A 96 13.06 24.96 26.04
N PRO A 97 13.65 25.71 27.00
CA PRO A 97 12.77 26.44 27.86
C PRO A 97 11.93 27.50 27.20
N ASN A 98 12.38 28.07 26.12
CA ASN A 98 11.50 29.02 25.38
C ASN A 98 10.38 28.38 24.55
N ASP A 99 10.54 27.09 24.25
CA ASP A 99 9.54 26.37 23.44
C ASP A 99 9.55 24.91 23.94
N PRO A 100 8.90 24.67 25.11
CA PRO A 100 9.14 23.38 25.86
C PRO A 100 8.21 22.31 25.28
N HIS A 101 8.40 22.05 24.01
CA HIS A 101 7.49 21.10 23.29
C HIS A 101 8.26 20.24 22.34
N GLY A 102 9.06 19.33 22.87
CA GLY A 102 10.08 18.60 22.09
C GLY A 102 9.85 17.10 21.99
N SER A 103 8.62 16.63 22.15
CA SER A 103 8.36 15.22 21.80
C SER A 103 8.65 15.00 20.30
N GLU A 104 8.88 13.75 19.95
CA GLU A 104 9.13 13.39 18.53
C GLU A 104 7.80 13.15 17.80
N HIS A 105 7.04 12.20 18.35
CA HIS A 105 5.67 12.06 17.85
C HIS A 105 4.85 13.20 18.28
N THR A 106 3.85 13.48 17.46
CA THR A 106 2.79 14.48 17.75
C THR A 106 1.44 13.82 17.69
N VAL A 107 0.45 14.40 18.38
CA VAL A 107 -0.90 13.86 18.37
C VAL A 107 -1.84 15.02 17.88
N SER A 108 -2.55 14.81 16.79
CA SER A 108 -3.42 15.82 16.17
C SER A 108 -2.63 17.10 16.00
N GLY A 109 -1.37 16.94 15.57
CA GLY A 109 -0.49 18.07 15.23
C GLY A 109 0.25 18.73 16.42
N GLN A 110 0.00 18.28 17.66
CA GLN A 110 0.57 18.85 18.89
C GLN A 110 1.75 18.04 19.44
N HIS A 111 2.81 18.77 19.77
CA HIS A 111 3.90 18.19 20.52
C HIS A 111 3.60 18.11 21.94
N PHE A 112 4.04 17.05 22.56
CA PHE A 112 4.13 17.02 24.01
C PHE A 112 5.44 17.67 24.45
N ALA A 113 5.62 17.81 25.79
CA ALA A 113 6.84 18.45 26.28
C ALA A 113 8.11 17.68 25.96
N ALA A 114 8.00 16.33 26.08
CA ALA A 114 9.18 15.48 25.87
C ALA A 114 8.72 14.09 25.55
N GLU A 115 9.69 13.21 25.28
CA GLU A 115 9.32 11.82 24.96
C GLU A 115 10.42 10.88 25.43
N LEU A 116 10.04 9.74 26.08
CA LEU A 116 10.98 8.72 26.57
C LEU A 116 10.82 7.57 25.62
N HIS A 117 11.96 7.02 25.20
CA HIS A 117 12.00 5.78 24.34
C HIS A 117 12.74 4.70 25.07
N ILE A 118 12.11 3.53 25.15
CA ILE A 118 12.74 2.33 25.75
C ILE A 118 12.98 1.42 24.56
N VAL A 119 14.27 1.29 24.19
CA VAL A 119 14.62 0.59 22.98
C VAL A 119 14.83 -0.89 23.29
N HIS A 120 14.23 -1.74 22.47
CA HIS A 120 14.41 -3.26 22.55
C HIS A 120 14.84 -3.79 21.25
N TYR A 121 15.46 -5.00 21.23
CA TYR A 121 15.86 -5.67 19.98
C TYR A 121 15.40 -7.11 19.97
N ASN A 122 15.29 -7.68 18.77
CA ASN A 122 14.74 -9.06 18.63
C ASN A 122 15.84 -10.04 19.02
N SER A 123 15.73 -10.54 20.26
CA SER A 123 16.81 -11.33 20.81
C SER A 123 16.56 -12.84 20.43
N ASP A 124 15.35 -13.17 19.94
CA ASP A 124 15.09 -14.52 19.40
C ASP A 124 15.87 -14.67 18.11
N LEU A 125 15.99 -13.59 17.33
CA LEU A 125 16.62 -13.65 16.00
C LEU A 125 18.05 -13.20 15.94
N TYR A 126 18.44 -12.26 16.82
CA TYR A 126 19.75 -11.56 16.85
C TYR A 126 20.48 -11.54 18.21
N PRO A 127 21.84 -11.46 18.17
CA PRO A 127 22.64 -11.53 19.39
C PRO A 127 22.70 -10.31 20.24
N ASP A 128 22.52 -9.14 19.63
CA ASP A 128 22.53 -7.88 20.35
C ASP A 128 21.86 -6.80 19.47
N ALA A 129 21.70 -5.63 20.05
CA ALA A 129 20.93 -4.58 19.46
C ALA A 129 21.67 -4.00 18.29
N SER A 130 22.99 -3.89 18.42
CA SER A 130 23.81 -3.40 17.29
C SER A 130 23.55 -4.24 16.06
N THR A 131 23.60 -5.56 16.20
CA THR A 131 23.41 -6.43 15.08
C THR A 131 21.96 -6.37 14.58
N ALA A 132 20.98 -6.31 15.51
CA ALA A 132 19.57 -6.21 15.04
C ALA A 132 19.17 -4.92 14.31
N SER A 133 19.91 -3.85 14.54
CA SER A 133 19.45 -2.51 14.24
C SER A 133 19.14 -2.29 12.74
N ASN A 134 19.77 -3.07 11.84
CA ASN A 134 19.55 -3.02 10.37
C ASN A 134 18.92 -4.27 9.72
N LYS A 135 18.30 -5.10 10.53
CA LYS A 135 17.62 -6.28 10.10
C LYS A 135 16.14 -6.27 10.22
N SER A 136 15.51 -7.11 9.42
CA SER A 136 14.07 -7.29 9.37
C SER A 136 13.58 -7.62 10.76
N GLU A 137 12.56 -6.88 11.22
CA GLU A 137 11.96 -7.19 12.53
C GLU A 137 12.95 -6.90 13.67
N GLY A 138 13.95 -6.04 13.45
CA GLY A 138 15.03 -5.99 14.39
C GLY A 138 14.73 -5.36 15.75
N LEU A 139 13.97 -4.25 15.73
CA LEU A 139 13.81 -3.41 16.91
C LEU A 139 12.38 -3.16 17.27
N ALA A 140 12.15 -2.94 18.58
CA ALA A 140 10.86 -2.47 19.04
C ALA A 140 11.12 -1.40 20.05
N VAL A 141 10.46 -0.25 19.88
CA VAL A 141 10.65 0.85 20.78
C VAL A 141 9.34 1.18 21.47
N LEU A 142 9.34 1.41 22.79
CA LEU A 142 8.15 1.88 23.46
C LEU A 142 8.37 3.39 23.65
N ALA A 143 7.32 4.18 23.37
CA ALA A 143 7.46 5.64 23.49
C ALA A 143 6.40 6.11 24.50
N VAL A 144 6.85 6.92 25.44
CA VAL A 144 5.95 7.52 26.42
C VAL A 144 6.00 9.05 26.20
N LEU A 145 4.83 9.62 25.98
CA LEU A 145 4.67 11.08 25.81
C LEU A 145 4.72 11.70 27.20
N ILE A 146 5.41 12.84 27.35
CA ILE A 146 5.56 13.47 28.65
C ILE A 146 5.03 14.88 28.61
N GLU A 147 4.20 15.22 29.59
CA GLU A 147 3.65 16.60 29.73
C GLU A 147 3.99 17.17 31.11
N MET A 148 4.04 18.49 31.21
CA MET A 148 4.27 19.10 32.51
C MET A 148 3.01 18.94 33.45
N GLY A 149 3.21 18.62 34.73
CA GLY A 149 2.08 18.51 35.67
C GLY A 149 2.66 18.25 37.05
N SER A 150 2.23 17.17 37.69
N SER A 150 2.15 17.24 37.76
CA SER A 150 2.76 16.79 39.01
CA SER A 150 2.66 16.93 39.12
C SER A 150 4.19 16.30 38.99
C SER A 150 4.04 16.27 39.08
N PHE A 151 4.88 16.54 40.09
CA PHE A 151 6.18 15.95 40.28
C PHE A 151 6.08 14.42 40.18
N ASN A 152 7.03 13.84 39.45
CA ASN A 152 7.13 12.40 39.30
C ASN A 152 8.36 11.80 39.97
N PRO A 153 8.16 11.14 41.14
CA PRO A 153 9.31 10.53 41.78
C PRO A 153 10.03 9.49 40.91
N SER A 154 9.25 8.80 40.08
CA SER A 154 9.92 7.70 39.36
C SER A 154 10.84 8.29 38.32
N TYR A 155 10.37 9.35 37.63
CA TYR A 155 11.35 9.99 36.66
C TYR A 155 12.52 10.62 37.38
N ASP A 156 12.28 10.98 38.65
CA ASP A 156 13.41 11.55 39.36
C ASP A 156 14.53 10.56 39.72
N LYS A 157 14.25 9.26 39.62
CA LYS A 157 15.27 8.25 39.83
C LYS A 157 16.33 8.33 38.71
N ILE A 158 15.89 8.81 37.54
CA ILE A 158 16.86 9.16 36.46
C ILE A 158 17.37 10.60 36.60
N PHE A 159 16.45 11.57 36.67
CA PHE A 159 16.83 12.97 36.60
C PHE A 159 17.79 13.42 37.71
N SER A 160 17.67 12.84 38.91
CA SER A 160 18.62 13.25 39.99
C SER A 160 20.09 12.99 39.66
N HIS A 161 20.38 12.17 38.64
CA HIS A 161 21.75 11.95 38.24
C HIS A 161 22.22 12.84 37.13
N LEU A 162 21.34 13.67 36.55
CA LEU A 162 21.75 14.43 35.36
C LEU A 162 23.03 15.31 35.58
N GLN A 163 23.20 15.86 36.80
CA GLN A 163 24.37 16.73 36.97
C GLN A 163 25.69 16.00 36.77
N HIS A 164 25.72 14.69 37.02
CA HIS A 164 26.93 13.90 36.84
C HIS A 164 27.17 13.51 35.44
N VAL A 165 26.18 13.72 34.54
CA VAL A 165 26.43 13.51 33.06
C VAL A 165 26.26 14.76 32.21
N LYS A 166 26.59 15.91 32.80
CA LYS A 166 26.51 17.21 32.10
C LYS A 166 27.12 17.28 30.70
N TYR A 167 28.33 16.67 30.52
CA TYR A 167 29.06 16.82 29.24
C TYR A 167 29.19 15.54 28.49
N LYS A 168 29.43 15.68 27.20
CA LYS A 168 29.56 14.51 26.38
C LYS A 168 30.63 13.54 26.90
N GLY A 169 30.29 12.25 27.00
CA GLY A 169 31.25 11.24 27.36
C GLY A 169 31.23 11.00 28.83
N GLN A 170 30.54 11.85 29.58
CA GLN A 170 30.39 11.58 31.04
C GLN A 170 29.40 10.46 31.32
N GLU A 171 29.67 9.69 32.39
CA GLU A 171 28.85 8.55 32.86
C GLU A 171 28.54 8.55 34.35
N ALA A 172 27.46 7.90 34.74
CA ALA A 172 27.11 7.76 36.15
C ALA A 172 26.46 6.42 36.29
N PHE A 173 26.42 5.93 37.52
CA PHE A 173 25.77 4.69 37.83
C PHE A 173 24.42 4.88 38.49
N VAL A 174 23.42 4.18 37.96
CA VAL A 174 22.07 4.32 38.51
C VAL A 174 21.59 3.02 39.11
N PRO A 175 21.16 3.03 40.40
CA PRO A 175 20.78 1.78 41.05
C PRO A 175 19.47 1.31 40.43
N GLY A 176 19.27 0.00 40.34
CA GLY A 176 18.09 -0.59 39.78
C GLY A 176 16.84 -0.08 40.42
N PHE A 177 15.88 0.30 39.57
CA PHE A 177 14.54 0.58 39.97
C PHE A 177 13.52 0.00 38.97
N ASN A 178 12.25 0.07 39.29
CA ASN A 178 11.23 -0.58 38.42
C ASN A 178 10.89 0.36 37.26
N ILE A 179 11.45 0.00 36.14
CA ILE A 179 11.26 0.79 34.89
C ILE A 179 9.78 0.92 34.51
N GLU A 180 8.92 -0.06 34.83
CA GLU A 180 7.51 0.08 34.58
C GLU A 180 6.90 1.35 35.23
N GLU A 181 7.57 1.91 36.28
CA GLU A 181 7.08 3.13 36.93
C GLU A 181 7.12 4.36 35.93
N LEU A 182 7.93 4.22 34.86
CA LEU A 182 8.03 5.28 33.87
C LEU A 182 6.91 5.21 32.81
N LEU A 183 6.12 4.13 32.82
CA LEU A 183 5.05 3.99 31.87
C LEU A 183 3.78 4.69 32.37
N PRO A 184 2.92 5.10 31.46
CA PRO A 184 1.72 5.77 31.82
C PRO A 184 0.61 4.86 32.31
N GLU A 185 -0.51 5.50 32.68
CA GLU A 185 -1.77 4.81 32.93
C GLU A 185 -2.28 4.11 31.69
N ARG A 186 -2.89 2.94 31.92
CA ARG A 186 -3.57 2.16 30.91
C ARG A 186 -2.63 1.93 29.71
N THR A 187 -1.54 1.21 29.98
CA THR A 187 -0.62 0.86 28.94
C THR A 187 -1.29 -0.07 27.93
N ALA A 188 -2.45 -0.68 28.24
CA ALA A 188 -3.21 -1.38 27.15
C ALA A 188 -3.64 -0.52 25.95
N GLU A 189 -3.68 0.80 26.16
CA GLU A 189 -4.10 1.76 25.14
C GLU A 189 -2.83 2.31 24.47
N TYR A 190 -2.69 2.00 23.18
CA TYR A 190 -1.49 2.47 22.41
C TYR A 190 -1.74 2.51 20.92
N TYR A 191 -0.84 3.27 20.26
CA TYR A 191 -0.69 3.33 18.82
C TYR A 191 0.41 2.42 18.38
N ARG A 192 0.23 1.80 17.25
CA ARG A 192 1.32 0.84 16.81
C ARG A 192 1.52 1.09 15.32
N TYR A 193 2.76 1.15 14.84
CA TYR A 193 3.01 1.28 13.38
C TYR A 193 4.44 0.83 13.13
N ARG A 194 4.68 0.43 11.88
CA ARG A 194 6.07 0.15 11.49
C ARG A 194 6.77 1.41 11.03
N GLY A 195 7.96 1.66 11.64
CA GLY A 195 8.70 2.84 11.23
C GLY A 195 10.18 2.65 11.33
N SER A 196 10.84 3.69 11.77
CA SER A 196 12.32 3.67 11.67
C SER A 196 12.92 4.20 13.00
N LEU A 197 14.23 4.06 13.11
CA LEU A 197 14.96 4.85 14.11
C LEU A 197 14.71 6.34 13.80
N THR A 198 14.59 7.21 14.79
CA THR A 198 14.44 8.62 14.49
C THR A 198 15.76 9.38 14.44
N THR A 199 16.87 8.62 14.50
CA THR A 199 18.22 9.17 14.54
C THR A 199 19.00 8.35 13.57
N PRO A 200 20.07 8.95 13.02
CA PRO A 200 20.87 8.14 12.10
C PRO A 200 21.30 6.82 12.76
N PRO A 201 21.32 5.77 12.01
CA PRO A 201 21.21 5.68 10.49
C PRO A 201 19.80 5.60 9.95
N CYS A 202 18.82 5.78 10.83
CA CYS A 202 17.37 5.86 10.42
C CYS A 202 16.85 4.56 9.82
N ASN A 203 17.41 3.42 10.25
CA ASN A 203 17.00 2.13 9.59
C ASN A 203 15.51 1.90 9.82
N PRO A 204 14.79 1.48 8.78
CA PRO A 204 13.31 1.28 8.81
C PRO A 204 13.03 -0.08 9.40
N THR A 205 13.49 -0.25 10.64
CA THR A 205 13.42 -1.60 11.27
C THR A 205 12.77 -1.59 12.65
N VAL A 206 12.07 -0.51 12.98
CA VAL A 206 11.41 -0.40 14.29
C VAL A 206 9.91 -0.59 14.27
N LEU A 207 9.45 -1.44 15.15
CA LEU A 207 8.04 -1.60 15.46
C LEU A 207 7.75 -0.63 16.62
N TRP A 208 7.02 0.45 16.31
CA TRP A 208 6.68 1.47 17.29
C TRP A 208 5.49 1.17 18.10
N THR A 209 5.58 1.37 19.41
CA THR A 209 4.36 1.34 20.25
C THR A 209 4.37 2.67 21.03
N VAL A 210 3.40 3.55 20.78
CA VAL A 210 3.39 4.87 21.46
C VAL A 210 2.13 4.82 22.36
N PHE A 211 2.37 4.92 23.65
CA PHE A 211 1.23 4.83 24.56
C PHE A 211 0.29 5.98 24.42
N ARG A 212 -1.00 5.65 24.51
CA ARG A 212 -2.02 6.69 24.31
C ARG A 212 -1.94 7.81 25.34
N ASN A 213 -1.67 7.46 26.59
CA ASN A 213 -1.72 8.47 27.69
C ASN A 213 -0.37 8.94 28.07
N PRO A 214 -0.21 10.24 28.28
CA PRO A 214 1.05 10.80 28.71
C PRO A 214 1.25 10.59 30.24
N VAL A 215 2.52 10.73 30.60
CA VAL A 215 2.93 10.85 32.01
C VAL A 215 3.09 12.32 32.29
N GLN A 216 3.18 12.68 33.60
CA GLN A 216 3.46 14.06 34.00
C GLN A 216 4.73 14.15 34.76
N ILE A 217 5.50 15.22 34.53
CA ILE A 217 6.66 15.57 35.35
C ILE A 217 6.50 17.01 35.74
N SER A 218 7.16 17.45 36.84
CA SER A 218 6.89 18.84 37.20
C SER A 218 7.62 19.81 36.30
N GLN A 219 7.23 21.08 36.45
CA GLN A 219 7.92 22.13 35.65
C GLN A 219 9.39 22.21 36.01
N GLU A 220 9.76 21.97 37.26
CA GLU A 220 11.11 21.97 37.65
C GLU A 220 11.86 20.77 37.06
N GLN A 221 11.17 19.63 37.00
CA GLN A 221 11.80 18.42 36.38
C GLN A 221 12.09 18.64 34.87
N LEU A 222 11.11 19.22 34.23
CA LEU A 222 11.23 19.45 32.79
C LEU A 222 12.32 20.46 32.51
N LEU A 223 12.40 21.51 33.38
CA LEU A 223 13.48 22.51 33.18
C LEU A 223 14.84 21.91 33.46
N ALA A 224 14.93 21.02 34.46
CA ALA A 224 16.16 20.34 34.70
C ALA A 224 16.65 19.55 33.45
N LEU A 225 15.73 18.78 32.86
CA LEU A 225 16.13 18.00 31.70
C LEU A 225 16.55 18.92 30.56
N GLU A 226 15.85 20.04 30.40
CA GLU A 226 16.20 20.97 29.26
C GLU A 226 17.50 21.74 29.44
N THR A 227 17.96 21.84 30.70
CA THR A 227 19.09 22.76 31.06
C THR A 227 20.32 22.07 31.65
N ALA A 228 20.20 20.80 32.00
CA ALA A 228 21.25 20.13 32.72
C ALA A 228 22.39 19.77 31.78
N LEU A 229 22.11 19.55 30.47
CA LEU A 229 23.12 18.84 29.65
C LEU A 229 23.64 19.63 28.52
N TYR A 230 24.89 19.27 28.17
CA TYR A 230 25.53 19.79 26.94
C TYR A 230 25.87 18.71 25.94
N CYS A 231 25.93 19.10 24.65
N CYS A 231 25.94 19.12 24.67
CA CYS A 231 26.30 18.21 23.56
CA CYS A 231 26.23 18.20 23.62
C CYS A 231 27.78 18.01 23.47
C CYS A 231 27.72 18.21 23.25
N THR A 232 28.48 19.00 24.03
CA THR A 232 29.91 19.10 23.90
C THR A 232 30.70 18.53 25.10
N HIS A 233 31.96 18.14 24.80
CA HIS A 233 32.93 17.75 25.89
C HIS A 233 33.23 18.89 26.84
N MET A 234 33.69 18.52 28.03
CA MET A 234 33.84 19.51 29.09
C MET A 234 34.86 20.59 28.69
N ASP A 235 35.90 20.17 27.97
CA ASP A 235 36.95 21.12 27.61
C ASP A 235 36.73 21.88 26.29
N ASP A 236 35.62 21.62 25.62
CA ASP A 236 35.25 22.36 24.44
C ASP A 236 35.15 23.87 24.69
N PRO A 237 35.97 24.68 23.98
CA PRO A 237 35.92 26.13 24.18
C PRO A 237 34.65 26.74 23.65
N SER A 238 33.87 25.98 22.88
CA SER A 238 32.59 26.48 22.38
C SER A 238 31.43 25.53 22.81
N PRO A 239 30.96 25.66 24.07
CA PRO A 239 29.96 24.67 24.59
C PRO A 239 28.60 24.85 23.89
N ARG A 240 27.94 23.73 23.59
CA ARG A 240 26.58 23.73 23.04
C ARG A 240 25.60 23.04 24.01
N GLU A 241 24.57 23.75 24.35
CA GLU A 241 23.50 23.15 25.17
C GLU A 241 22.84 21.99 24.44
N MET A 242 22.46 20.94 25.19
CA MET A 242 21.68 19.87 24.57
C MET A 242 20.19 20.19 24.73
N ILE A 243 19.58 20.72 23.62
CA ILE A 243 18.20 21.11 23.57
C ILE A 243 17.66 20.73 22.16
N ASN A 244 16.33 20.68 22.05
CA ASN A 244 15.69 20.44 20.72
C ASN A 244 16.25 19.21 20.03
N ASN A 245 16.45 18.14 20.82
CA ASN A 245 17.06 16.93 20.33
C ASN A 245 15.98 15.96 19.90
N PHE A 246 15.14 16.39 18.97
CA PHE A 246 14.09 15.59 18.39
C PHE A 246 14.10 15.82 16.87
N ARG A 247 13.62 14.82 16.13
CA ARG A 247 13.40 14.92 14.70
C ARG A 247 12.06 15.50 14.38
N GLN A 248 11.98 16.40 13.38
CA GLN A 248 10.71 16.78 12.79
C GLN A 248 9.85 15.60 12.31
N VAL A 249 8.55 15.74 12.32
CA VAL A 249 7.68 14.67 11.83
C VAL A 249 7.85 14.48 10.35
N GLN A 250 7.68 13.20 9.93
CA GLN A 250 7.89 12.81 8.53
C GLN A 250 6.58 12.70 7.79
N LYS A 251 6.58 12.83 6.46
CA LYS A 251 5.37 12.51 5.71
C LYS A 251 5.00 11.02 5.91
N PHE A 252 3.72 10.72 5.98
CA PHE A 252 3.23 9.37 6.27
C PHE A 252 1.93 9.29 5.47
N ASP A 253 2.03 8.78 4.25
CA ASP A 253 0.88 8.90 3.27
C ASP A 253 0.42 7.52 2.82
N GLU A 254 -0.92 7.34 2.66
CA GLU A 254 -1.45 6.03 2.25
C GLU A 254 -1.06 4.91 3.25
N ARG A 255 -0.94 5.30 4.51
CA ARG A 255 -0.61 4.33 5.58
C ARG A 255 -1.45 4.59 6.84
N LEU A 256 -1.60 3.55 7.65
CA LEU A 256 -2.43 3.61 8.85
C LEU A 256 -1.50 3.47 10.09
N VAL A 257 -1.98 4.09 11.16
CA VAL A 257 -1.48 3.76 12.45
C VAL A 257 -2.58 2.93 13.15
N TYR A 258 -2.25 1.79 13.71
CA TYR A 258 -3.25 0.95 14.30
C TYR A 258 -3.36 1.28 15.77
N THR A 259 -4.54 1.19 16.32
CA THR A 259 -4.76 1.54 17.72
C THR A 259 -5.35 0.39 18.48
N SER A 260 -4.95 0.22 19.71
CA SER A 260 -5.54 -0.85 20.55
C SER A 260 -6.87 -0.43 21.19
N PHE A 261 -7.27 0.82 20.95
CA PHE A 261 -8.50 1.38 21.54
C PHE A 261 -9.39 1.87 20.41
N SER A 262 -10.72 1.85 20.60
CA SER A 262 -11.61 2.49 19.59
C SER A 262 -12.23 3.87 19.95
N LYS B 3 15.33 17.24 -10.91
CA LYS B 3 14.69 15.90 -10.66
C LYS B 3 14.44 15.70 -9.15
N TRP B 4 14.68 16.75 -8.35
CA TRP B 4 14.16 16.71 -6.99
C TRP B 4 12.65 16.59 -7.08
N THR B 5 12.08 16.03 -6.03
CA THR B 5 10.62 15.80 -5.92
C THR B 5 10.16 15.99 -4.47
N TYR B 6 8.89 15.70 -4.23
CA TYR B 6 8.39 15.64 -2.89
C TYR B 6 8.11 14.26 -2.39
N PHE B 7 8.50 13.22 -3.11
CA PHE B 7 8.17 11.90 -2.66
C PHE B 7 9.20 10.95 -3.17
N GLY B 8 9.72 10.11 -2.28
CA GLY B 8 10.66 9.06 -2.78
C GLY B 8 12.11 9.41 -2.54
N PRO B 9 13.01 8.73 -3.29
CA PRO B 9 14.43 8.87 -3.10
C PRO B 9 14.94 10.22 -3.27
N ASP B 10 14.28 11.05 -4.12
CA ASP B 10 14.71 12.37 -4.41
C ASP B 10 13.85 13.42 -3.66
N GLY B 11 13.09 12.95 -2.66
CA GLY B 11 12.26 13.89 -1.84
C GLY B 11 13.04 14.73 -0.81
N GLU B 12 12.32 15.38 0.07
CA GLU B 12 12.84 16.52 0.78
C GLU B 12 13.98 16.24 1.74
N ASN B 13 14.03 15.01 2.28
CA ASN B 13 15.16 14.72 3.18
C ASN B 13 16.48 14.49 2.40
N SER B 14 16.36 14.41 1.07
CA SER B 14 17.53 14.32 0.16
C SER B 14 17.91 15.59 -0.56
N TRP B 15 17.12 16.65 -0.47
CA TRP B 15 17.44 17.88 -1.25
C TRP B 15 18.79 18.38 -0.93
N SER B 16 19.19 18.30 0.33
CA SER B 16 20.51 18.86 0.70
C SER B 16 21.73 18.19 0.07
N LYS B 17 21.52 17.02 -0.50
CA LYS B 17 22.62 16.35 -1.19
C LYS B 17 23.05 17.16 -2.37
N LYS B 18 22.11 17.78 -3.08
CA LYS B 18 22.51 18.56 -4.28
C LYS B 18 22.41 20.07 -4.06
N TYR B 19 21.66 20.47 -3.02
CA TYR B 19 21.33 21.85 -2.74
C TYR B 19 21.67 22.15 -1.28
N PRO B 20 22.89 22.57 -1.01
CA PRO B 20 23.34 22.69 0.36
C PRO B 20 22.52 23.59 1.25
N SER B 21 21.94 24.65 0.70
CA SER B 21 21.21 25.59 1.52
C SER B 21 20.01 24.86 2.10
N CYS B 22 19.54 23.79 1.49
CA CYS B 22 18.35 23.13 2.08
C CYS B 22 18.64 22.47 3.38
N GLY B 23 19.93 22.33 3.72
CA GLY B 23 20.40 21.76 4.98
C GLY B 23 20.90 22.90 5.87
N GLY B 24 20.74 24.17 5.45
CA GLY B 24 21.36 25.29 6.17
C GLY B 24 20.39 25.91 7.15
N LEU B 25 20.68 27.12 7.60
CA LEU B 25 19.74 27.72 8.58
C LEU B 25 18.66 28.49 7.87
N LEU B 26 17.75 29.01 8.70
CA LEU B 26 16.69 29.93 8.31
C LEU B 26 15.69 29.29 7.33
N GLN B 27 15.42 27.99 7.50
CA GLN B 27 14.60 27.33 6.49
C GLN B 27 13.13 27.48 6.73
N SER B 28 12.36 27.55 5.65
CA SER B 28 10.88 27.58 5.68
C SER B 28 10.34 26.30 5.05
N PRO B 29 9.10 25.94 5.28
CA PRO B 29 8.12 26.67 6.10
C PRO B 29 8.26 26.27 7.57
N ILE B 30 7.43 26.93 8.36
CA ILE B 30 7.48 26.71 9.85
C ILE B 30 6.03 26.61 10.40
N ASP B 31 5.96 26.03 11.63
CA ASP B 31 4.71 26.01 12.38
C ASP B 31 4.58 27.28 13.20
N LEU B 32 3.50 27.99 12.98
CA LEU B 32 3.20 29.28 13.68
C LEU B 32 2.47 28.97 14.96
N HIS B 33 3.13 29.07 16.11
CA HIS B 33 2.48 28.73 17.35
C HIS B 33 2.91 29.72 18.44
N SER B 34 2.10 29.81 19.49
CA SER B 34 2.25 30.93 20.46
C SER B 34 3.64 31.10 21.00
N ASP B 35 4.43 30.03 21.31
CA ASP B 35 5.70 30.22 21.99
C ASP B 35 6.73 31.01 21.26
N ILE B 36 6.57 31.12 19.95
CA ILE B 36 7.58 31.79 19.15
C ILE B 36 7.04 33.07 18.48
N LEU B 37 5.81 33.45 18.84
CA LEU B 37 5.10 34.71 18.29
C LEU B 37 5.41 35.90 19.20
N GLN B 38 5.59 37.07 18.60
CA GLN B 38 5.80 38.30 19.41
C GLN B 38 5.19 39.46 18.65
N TYR B 39 4.31 40.19 19.32
CA TYR B 39 3.68 41.33 18.66
C TYR B 39 4.72 42.40 18.36
N ASP B 40 4.66 42.95 17.12
CA ASP B 40 5.49 44.07 16.77
C ASP B 40 4.64 45.15 16.14
N ALA B 41 4.45 46.28 16.85
CA ALA B 41 3.61 47.38 16.46
C ALA B 41 4.09 48.16 15.24
N SER B 42 5.34 47.94 14.87
CA SER B 42 5.85 48.57 13.66
C SER B 42 5.50 47.83 12.34
N LEU B 43 4.83 46.70 12.47
CA LEU B 43 4.33 45.94 11.26
C LEU B 43 3.06 46.59 10.78
N THR B 44 3.24 47.69 10.04
CA THR B 44 2.13 48.47 9.51
C THR B 44 1.53 47.80 8.26
N PRO B 45 0.33 48.24 7.80
CA PRO B 45 -0.31 47.54 6.67
C PRO B 45 0.45 47.64 5.38
N LEU B 46 0.52 46.51 4.63
CA LEU B 46 1.13 46.61 3.31
C LEU B 46 0.15 47.27 2.37
N GLU B 47 0.69 47.90 1.34
CA GLU B 47 -0.12 48.42 0.25
C GLU B 47 0.20 47.61 -1.03
N PHE B 48 -0.88 47.25 -1.71
CA PHE B 48 -0.79 46.32 -2.87
C PHE B 48 -1.01 47.14 -4.13
N GLN B 49 0.07 47.42 -4.85
CA GLN B 49 -0.11 48.37 -5.98
C GLN B 49 0.01 47.63 -7.33
N GLY B 50 -0.88 47.98 -8.25
CA GLY B 50 -0.76 47.41 -9.59
C GLY B 50 -1.27 45.98 -9.52
N TYR B 51 -1.98 45.59 -8.44
CA TYR B 51 -2.52 44.19 -8.38
C TYR B 51 -3.75 43.98 -9.24
N ASN B 52 -4.44 45.07 -9.62
CA ASN B 52 -5.62 44.99 -10.47
C ASN B 52 -5.26 44.84 -11.93
N LEU B 53 -4.89 43.63 -12.34
CA LEU B 53 -4.41 43.41 -13.71
C LEU B 53 -5.65 43.51 -14.75
N SER B 54 -5.39 44.16 -15.87
CA SER B 54 -6.43 44.34 -16.86
C SER B 54 -6.95 43.02 -17.41
N ALA B 55 -8.29 42.81 -17.40
CA ALA B 55 -8.89 41.66 -18.06
C ALA B 55 -8.71 41.55 -19.54
N ASN B 56 -8.23 42.64 -20.16
CA ASN B 56 -8.00 42.59 -21.62
C ASN B 56 -6.59 42.23 -21.89
N LYS B 57 -5.80 42.09 -20.83
CA LYS B 57 -4.43 41.61 -20.95
C LYS B 57 -4.41 40.12 -20.49
N GLN B 58 -3.33 39.46 -20.81
CA GLN B 58 -3.17 38.03 -20.44
C GLN B 58 -1.76 37.72 -19.91
N PHE B 59 -1.73 36.73 -18.99
CA PHE B 59 -0.58 36.39 -18.17
C PHE B 59 -0.34 34.90 -18.28
N LEU B 60 0.92 34.58 -18.42
CA LEU B 60 1.33 33.20 -18.70
C LEU B 60 1.28 32.28 -17.50
N LEU B 61 0.52 31.22 -17.64
CA LEU B 61 0.45 30.13 -16.67
C LEU B 61 1.30 28.96 -17.13
N THR B 62 2.17 28.41 -16.26
CA THR B 62 3.11 27.37 -16.74
C THR B 62 3.11 26.24 -15.68
N ASN B 63 3.11 24.99 -16.14
CA ASN B 63 3.46 23.85 -15.26
C ASN B 63 4.93 23.61 -15.38
N ASN B 64 5.63 23.81 -14.25
CA ASN B 64 7.05 23.71 -14.29
C ASN B 64 7.57 22.35 -13.78
N GLY B 65 6.66 21.38 -13.61
CA GLY B 65 7.07 20.08 -13.10
C GLY B 65 7.04 19.99 -11.61
N HIS B 66 6.98 21.13 -10.90
CA HIS B 66 6.84 21.14 -9.39
C HIS B 66 5.58 21.81 -8.86
N SER B 67 5.04 22.82 -9.63
CA SER B 67 3.79 23.56 -9.21
C SER B 67 3.23 24.07 -10.51
N VAL B 68 2.11 24.80 -10.36
CA VAL B 68 1.74 25.61 -11.53
C VAL B 68 1.98 27.07 -11.11
N LYS B 69 2.56 27.86 -12.02
CA LYS B 69 2.88 29.30 -11.68
C LYS B 69 2.16 30.18 -12.68
N LEU B 70 1.81 31.39 -12.22
CA LEU B 70 1.30 32.46 -13.13
C LEU B 70 2.36 33.55 -13.03
N ASN B 71 2.88 33.98 -14.21
CA ASN B 71 3.85 35.10 -14.25
C ASN B 71 3.12 36.43 -14.03
N LEU B 72 3.79 37.32 -13.30
CA LEU B 72 3.16 38.59 -12.93
C LEU B 72 4.01 39.71 -13.44
N PRO B 73 3.35 40.86 -13.68
CA PRO B 73 4.08 41.98 -14.29
C PRO B 73 4.86 42.80 -13.28
N SER B 74 5.95 43.44 -13.72
CA SER B 74 6.77 44.11 -12.69
C SER B 74 6.19 45.45 -12.27
N ASP B 75 5.14 45.91 -12.95
CA ASP B 75 4.34 47.08 -12.45
C ASP B 75 3.42 46.78 -11.23
N MET B 76 3.47 45.52 -10.79
CA MET B 76 2.76 45.08 -9.61
C MET B 76 3.74 45.04 -8.45
N HIS B 77 3.37 45.72 -7.35
CA HIS B 77 4.33 45.94 -6.26
C HIS B 77 3.69 45.87 -4.89
N ILE B 78 4.55 45.61 -3.96
CA ILE B 78 4.08 45.79 -2.53
C ILE B 78 4.86 46.96 -1.95
N GLN B 79 4.09 47.82 -1.30
CA GLN B 79 4.61 49.01 -0.65
C GLN B 79 4.33 48.91 0.84
N GLY B 80 5.26 49.39 1.62
CA GLY B 80 5.10 49.32 3.06
C GLY B 80 6.41 48.78 3.56
N LEU B 81 7.07 47.96 2.73
CA LEU B 81 8.40 47.48 3.09
C LEU B 81 9.43 48.59 2.97
N GLN B 82 10.65 48.32 3.40
CA GLN B 82 11.70 49.37 3.42
C GLN B 82 12.41 49.52 2.07
N SER B 83 11.94 48.73 1.09
CA SER B 83 12.23 48.92 -0.33
C SER B 83 10.96 48.55 -1.05
N ARG B 84 10.80 48.95 -2.31
CA ARG B 84 9.64 48.42 -2.95
C ARG B 84 10.01 47.00 -3.50
N TYR B 85 9.01 46.12 -3.48
CA TYR B 85 9.23 44.75 -3.94
C TYR B 85 8.29 44.58 -5.03
N SER B 86 8.79 44.10 -6.17
CA SER B 86 7.88 43.93 -7.35
C SER B 86 7.54 42.44 -7.61
N ALA B 87 6.31 42.22 -8.03
CA ALA B 87 5.77 40.82 -8.24
C ALA B 87 6.62 40.14 -9.33
N THR B 88 6.80 38.84 -9.21
CA THR B 88 7.34 38.03 -10.32
C THR B 88 6.46 36.85 -10.70
N GLN B 89 5.89 36.15 -9.70
CA GLN B 89 5.01 35.04 -10.02
C GLN B 89 4.15 34.69 -8.81
N LEU B 90 3.09 33.95 -9.03
CA LEU B 90 2.38 33.29 -7.90
C LEU B 90 2.25 31.80 -8.20
N HIS B 91 2.07 30.98 -7.13
CA HIS B 91 1.95 29.54 -7.38
C HIS B 91 1.32 28.97 -6.14
N LEU B 92 1.06 27.66 -6.15
CA LEU B 92 0.32 27.02 -5.03
C LEU B 92 1.03 25.75 -4.58
N HIS B 93 0.64 25.35 -3.37
CA HIS B 93 1.05 24.05 -2.81
C HIS B 93 -0.14 23.38 -2.24
N TRP B 94 -0.24 22.04 -2.37
CA TRP B 94 -1.49 21.31 -2.01
C TRP B 94 -1.17 19.87 -1.66
N GLY B 95 -2.25 19.22 -1.19
CA GLY B 95 -2.14 17.78 -0.73
C GLY B 95 -2.63 16.87 -1.83
N ASN B 96 -3.60 16.00 -1.52
CA ASN B 96 -4.08 15.09 -2.55
C ASN B 96 -5.56 14.77 -2.30
N PRO B 97 -6.28 14.07 -3.24
CA PRO B 97 -7.72 13.97 -3.07
C PRO B 97 -8.15 13.26 -1.81
N ASN B 98 -7.30 12.36 -1.28
CA ASN B 98 -7.65 11.59 -0.11
C ASN B 98 -7.16 12.23 1.18
N ASP B 99 -6.42 13.33 1.05
CA ASP B 99 -5.85 14.02 2.24
C ASP B 99 -5.66 15.51 1.84
N PRO B 100 -6.73 16.29 1.80
CA PRO B 100 -6.65 17.67 1.25
C PRO B 100 -6.03 18.58 2.35
N HIS B 101 -4.76 18.34 2.72
CA HIS B 101 -4.06 19.06 3.83
C HIS B 101 -2.66 19.35 3.51
N GLY B 102 -2.47 20.19 2.49
CA GLY B 102 -1.14 20.40 1.88
C GLY B 102 -0.66 21.87 1.98
N SER B 103 -1.10 22.68 2.98
CA SER B 103 -0.37 23.92 3.20
C SER B 103 1.10 23.69 3.61
N GLU B 104 1.93 24.68 3.38
CA GLU B 104 3.33 24.59 3.84
C GLU B 104 3.48 25.07 5.24
N HIS B 105 3.09 26.32 5.51
CA HIS B 105 2.96 26.68 6.93
C HIS B 105 1.83 26.03 7.64
N THR B 106 2.06 25.74 8.93
CA THR B 106 0.95 25.22 9.76
C THR B 106 0.74 26.29 10.87
N VAL B 107 -0.43 26.21 11.51
CA VAL B 107 -0.77 27.13 12.58
C VAL B 107 -1.23 26.26 13.72
N SER B 108 -0.53 26.45 14.83
CA SER B 108 -0.65 25.63 16.07
C SER B 108 -0.80 24.15 15.67
N GLY B 109 0.09 23.71 14.79
CA GLY B 109 0.20 22.37 14.41
C GLY B 109 -0.83 21.84 13.38
N GLN B 110 -1.69 22.70 12.87
CA GLN B 110 -2.66 22.19 11.88
C GLN B 110 -2.30 22.69 10.47
N HIS B 111 -2.36 21.76 9.50
CA HIS B 111 -2.30 22.10 8.07
C HIS B 111 -3.61 22.65 7.62
N PHE B 112 -3.55 23.63 6.73
CA PHE B 112 -4.67 24.03 5.97
C PHE B 112 -4.71 23.23 4.67
N ALA B 113 -5.75 23.39 3.87
CA ALA B 113 -5.90 22.56 2.66
C ALA B 113 -4.79 22.82 1.63
N ALA B 114 -4.44 24.09 1.47
CA ALA B 114 -3.47 24.50 0.40
C ALA B 114 -2.88 25.85 0.81
N GLU B 115 -1.93 26.33 0.00
CA GLU B 115 -1.33 27.62 0.26
C GLU B 115 -0.97 28.29 -1.03
N LEU B 116 -1.23 29.59 -1.13
CA LEU B 116 -0.89 30.42 -2.31
C LEU B 116 0.34 31.24 -1.89
N HIS B 117 1.37 31.25 -2.72
CA HIS B 117 2.55 32.15 -2.58
C HIS B 117 2.60 33.16 -3.70
N ILE B 118 2.68 34.46 -3.33
CA ILE B 118 2.95 35.50 -4.35
C ILE B 118 4.37 36.03 -4.12
N VAL B 119 5.27 35.70 -5.05
CA VAL B 119 6.70 35.96 -4.93
C VAL B 119 7.04 37.32 -5.52
N HIS B 120 7.75 38.08 -4.70
CA HIS B 120 8.25 39.40 -5.08
C HIS B 120 9.74 39.46 -4.91
N TYR B 121 10.43 40.40 -5.61
CA TYR B 121 11.86 40.58 -5.42
C TYR B 121 12.13 42.10 -5.22
N ASN B 122 13.20 42.43 -4.52
CA ASN B 122 13.53 43.86 -4.28
C ASN B 122 13.92 44.59 -5.64
N SER B 123 12.97 45.26 -6.24
CA SER B 123 13.25 45.90 -7.56
C SER B 123 14.11 47.19 -7.41
N ASP B 124 14.09 47.81 -6.22
CA ASP B 124 15.03 48.91 -5.87
C ASP B 124 16.47 48.53 -6.18
N LEU B 125 16.84 47.32 -5.78
CA LEU B 125 18.22 46.85 -5.75
C LEU B 125 18.56 45.84 -6.80
N TYR B 126 17.55 45.21 -7.41
CA TYR B 126 17.83 44.08 -8.35
C TYR B 126 17.07 44.13 -9.66
N PRO B 127 17.67 43.57 -10.73
CA PRO B 127 17.16 43.58 -12.10
C PRO B 127 16.04 42.56 -12.42
N ASP B 128 15.89 41.56 -11.55
CA ASP B 128 14.98 40.45 -11.76
C ASP B 128 15.06 39.59 -10.50
N ALA B 129 14.13 38.63 -10.41
CA ALA B 129 14.05 37.72 -9.29
C ALA B 129 15.20 36.71 -9.20
N SER B 130 15.63 36.15 -10.34
N SER B 130 15.64 36.17 -10.35
CA SER B 130 16.75 35.19 -10.33
CA SER B 130 16.74 35.18 -10.37
C SER B 130 17.95 35.81 -9.62
C SER B 130 18.13 35.79 -10.12
N THR B 131 18.16 37.10 -9.90
CA THR B 131 19.30 37.83 -9.40
C THR B 131 19.11 38.13 -7.92
N ALA B 132 17.86 38.48 -7.52
CA ALA B 132 17.60 38.90 -6.15
C ALA B 132 17.64 37.69 -5.22
N SER B 133 17.53 36.51 -5.82
CA SER B 133 17.23 35.29 -5.04
C SER B 133 18.34 34.75 -4.13
N ASN B 134 19.58 35.11 -4.44
CA ASN B 134 20.68 34.77 -3.54
C ASN B 134 21.23 35.97 -2.80
N LYS B 135 20.40 37.00 -2.66
CA LYS B 135 20.89 38.22 -2.02
C LYS B 135 20.13 38.58 -0.79
N SER B 136 20.89 39.13 0.16
CA SER B 136 20.32 39.54 1.40
C SER B 136 19.19 40.47 1.03
N GLU B 137 18.06 40.23 1.67
CA GLU B 137 16.87 41.09 1.51
C GLU B 137 16.17 40.88 0.16
N GLY B 138 16.57 39.87 -0.59
CA GLY B 138 16.20 39.82 -1.99
C GLY B 138 14.74 39.56 -2.34
N LEU B 139 14.08 38.67 -1.58
CA LEU B 139 12.75 38.21 -1.95
C LEU B 139 11.73 38.52 -0.80
N ALA B 140 10.50 38.71 -1.14
CA ALA B 140 9.40 38.86 -0.16
C ALA B 140 8.35 37.99 -0.76
N VAL B 141 7.87 37.02 0.04
CA VAL B 141 6.75 36.21 -0.43
C VAL B 141 5.55 36.42 0.44
N LEU B 142 4.40 36.58 -0.14
CA LEU B 142 3.11 36.72 0.60
C LEU B 142 2.49 35.32 0.58
N ALA B 143 2.05 34.78 1.73
CA ALA B 143 1.42 33.47 1.77
C ALA B 143 0.00 33.63 2.26
N VAL B 144 -0.91 32.99 1.54
CA VAL B 144 -2.32 32.90 1.89
C VAL B 144 -2.62 31.45 2.16
N LEU B 145 -3.13 31.23 3.37
CA LEU B 145 -3.59 29.92 3.81
C LEU B 145 -4.95 29.69 3.26
N ILE B 146 -5.18 28.48 2.73
CA ILE B 146 -6.40 28.16 1.99
C ILE B 146 -7.16 27.02 2.72
N GLU B 147 -8.43 27.22 3.10
CA GLU B 147 -9.18 26.15 3.74
C GLU B 147 -10.32 25.71 2.79
N MET B 148 -10.79 24.49 2.99
CA MET B 148 -11.95 23.98 2.28
C MET B 148 -13.21 24.67 2.82
N GLY B 149 -13.92 25.27 1.88
CA GLY B 149 -15.13 26.02 2.30
C GLY B 149 -15.93 26.35 1.06
N SER B 150 -16.33 27.62 0.98
CA SER B 150 -17.15 28.06 -0.22
C SER B 150 -16.37 28.13 -1.51
N PHE B 151 -17.11 27.88 -2.60
CA PHE B 151 -16.52 28.13 -3.92
C PHE B 151 -16.01 29.56 -4.02
N ASN B 152 -14.84 29.73 -4.64
CA ASN B 152 -14.19 31.01 -4.73
C ASN B 152 -14.04 31.38 -6.18
N PRO B 153 -14.89 32.29 -6.67
CA PRO B 153 -14.78 32.70 -8.09
C PRO B 153 -13.43 33.29 -8.45
N SER B 154 -12.73 34.00 -7.57
CA SER B 154 -11.45 34.60 -7.94
C SER B 154 -10.39 33.53 -8.16
N TYR B 155 -10.31 32.57 -7.23
CA TYR B 155 -9.34 31.50 -7.43
C TYR B 155 -9.69 30.68 -8.69
N ASP B 156 -10.96 30.62 -9.06
CA ASP B 156 -11.35 29.85 -10.24
C ASP B 156 -10.83 30.48 -11.52
N LYS B 157 -10.52 31.78 -11.46
CA LYS B 157 -9.92 32.47 -12.66
C LYS B 157 -8.59 31.77 -12.95
N ILE B 158 -7.93 31.16 -11.95
CA ILE B 158 -6.68 30.37 -12.25
C ILE B 158 -7.13 28.94 -12.49
N PHE B 159 -8.01 28.37 -11.65
CA PHE B 159 -8.18 26.90 -11.70
C PHE B 159 -8.86 26.44 -12.95
N SER B 160 -9.59 27.34 -13.53
CA SER B 160 -10.30 27.04 -14.82
C SER B 160 -9.35 26.80 -15.97
N HIS B 161 -8.09 27.11 -15.84
CA HIS B 161 -7.11 26.88 -16.91
C HIS B 161 -6.18 25.71 -16.67
N LEU B 162 -6.31 25.05 -15.52
CA LEU B 162 -5.42 23.90 -15.22
C LEU B 162 -5.41 22.81 -16.29
N GLN B 163 -6.56 22.46 -16.87
CA GLN B 163 -6.59 21.40 -17.93
C GLN B 163 -5.76 21.76 -19.18
N HIS B 164 -5.16 22.93 -19.24
CA HIS B 164 -4.41 23.32 -20.34
C HIS B 164 -2.94 23.37 -20.01
N VAL B 165 -2.63 23.04 -18.75
CA VAL B 165 -1.21 22.99 -18.31
C VAL B 165 -1.03 21.69 -17.55
N LYS B 166 -1.67 20.61 -18.00
N LYS B 166 -1.66 20.66 -18.08
CA LYS B 166 -1.62 19.37 -17.23
CA LYS B 166 -1.67 19.39 -17.43
C LYS B 166 -0.19 18.82 -17.07
C LYS B 166 -0.27 18.77 -17.17
N TYR B 167 0.62 18.99 -18.13
CA TYR B 167 1.93 18.42 -18.10
C TYR B 167 3.10 19.39 -18.00
N LYS B 168 4.23 18.86 -17.53
CA LYS B 168 5.43 19.72 -17.44
C LYS B 168 5.75 20.37 -18.78
N GLY B 169 6.05 21.67 -18.68
CA GLY B 169 6.43 22.50 -19.80
C GLY B 169 5.30 23.16 -20.53
N GLN B 170 4.05 22.75 -20.26
CA GLN B 170 2.90 23.33 -20.94
C GLN B 170 2.64 24.74 -20.36
N GLU B 171 2.20 25.59 -21.25
CA GLU B 171 1.92 27.02 -20.98
C GLU B 171 0.52 27.38 -21.51
N ALA B 172 -0.18 28.28 -20.81
CA ALA B 172 -1.51 28.75 -21.16
C ALA B 172 -1.60 30.23 -20.68
N PHE B 173 -2.52 30.96 -21.26
CA PHE B 173 -2.74 32.36 -20.87
C PHE B 173 -4.01 32.54 -20.11
N VAL B 174 -3.91 33.33 -19.05
CA VAL B 174 -5.00 33.59 -18.13
C VAL B 174 -5.26 35.13 -18.32
N PRO B 175 -6.53 35.47 -18.61
CA PRO B 175 -6.83 36.95 -18.61
C PRO B 175 -6.53 37.56 -17.22
N GLY B 176 -6.17 38.85 -17.24
CA GLY B 176 -5.91 39.61 -16.02
C GLY B 176 -7.16 39.69 -15.19
N PHE B 177 -6.85 39.69 -13.88
CA PHE B 177 -7.93 39.95 -12.89
C PHE B 177 -7.25 40.60 -11.70
N ASN B 178 -8.09 41.03 -10.72
CA ASN B 178 -7.54 41.66 -9.58
C ASN B 178 -6.99 40.63 -8.56
N ILE B 179 -5.67 40.58 -8.58
CA ILE B 179 -4.92 39.60 -7.68
C ILE B 179 -5.26 39.85 -6.24
N GLU B 180 -5.63 41.06 -5.86
CA GLU B 180 -6.00 41.27 -4.45
C GLU B 180 -7.21 40.44 -4.03
N GLU B 181 -8.05 40.01 -5.00
CA GLU B 181 -9.20 39.16 -4.70
C GLU B 181 -8.74 37.78 -4.14
N LEU B 182 -7.49 37.44 -4.32
CA LEU B 182 -6.97 36.15 -3.78
C LEU B 182 -6.55 36.31 -2.33
N LEU B 183 -6.44 37.56 -1.83
CA LEU B 183 -5.96 37.78 -0.43
C LEU B 183 -7.18 37.70 0.46
N PRO B 184 -6.93 37.35 1.75
CA PRO B 184 -8.04 37.22 2.72
C PRO B 184 -8.50 38.53 3.25
N GLU B 185 -9.50 38.36 4.13
CA GLU B 185 -9.96 39.49 4.99
C GLU B 185 -8.87 39.99 5.94
N ARG B 186 -8.84 41.31 6.13
CA ARG B 186 -8.01 41.95 7.18
C ARG B 186 -6.54 41.62 6.88
N THR B 187 -6.18 41.99 5.68
CA THR B 187 -4.75 41.84 5.33
C THR B 187 -3.79 42.58 6.27
N ALA B 188 -4.32 43.55 7.05
CA ALA B 188 -3.46 44.18 8.00
C ALA B 188 -2.90 43.24 9.06
N GLU B 189 -3.55 42.11 9.29
CA GLU B 189 -3.12 41.09 10.31
C GLU B 189 -2.30 40.00 9.66
N TYR B 190 -1.05 39.96 9.97
CA TYR B 190 -0.14 38.96 9.36
C TYR B 190 0.98 38.57 10.30
N TYR B 191 1.68 37.48 9.97
CA TYR B 191 2.85 37.04 10.64
C TYR B 191 4.03 37.33 9.73
N ARG B 192 5.16 37.69 10.30
CA ARG B 192 6.32 38.09 9.53
C ARG B 192 7.56 37.47 10.10
N TYR B 193 8.44 36.93 9.24
CA TYR B 193 9.62 36.26 9.72
C TYR B 193 10.65 36.14 8.58
N ARG B 194 11.89 35.91 8.97
CA ARG B 194 12.97 35.71 8.00
C ARG B 194 13.11 34.24 7.74
N GLY B 195 12.95 33.85 6.47
CA GLY B 195 13.16 32.42 6.14
C GLY B 195 13.79 32.23 4.77
N SER B 196 13.33 31.19 4.12
CA SER B 196 13.97 30.69 2.90
C SER B 196 12.91 30.35 1.81
N LEU B 197 13.42 30.08 0.61
CA LEU B 197 12.58 29.38 -0.41
C LEU B 197 12.24 28.04 0.20
N THR B 198 10.98 27.57 -0.05
CA THR B 198 10.58 26.24 0.48
C THR B 198 10.89 25.10 -0.50
N THR B 199 11.60 25.45 -1.59
CA THR B 199 11.94 24.47 -2.66
C THR B 199 13.46 24.67 -2.90
N PRO B 200 14.14 23.65 -3.40
CA PRO B 200 15.53 23.85 -3.87
C PRO B 200 15.56 25.06 -4.80
N PRO B 201 16.65 25.87 -4.69
CA PRO B 201 17.84 25.69 -3.87
C PRO B 201 17.74 26.11 -2.40
N CYS B 202 16.52 26.45 -1.94
CA CYS B 202 16.25 26.75 -0.48
C CYS B 202 17.03 28.03 0.07
N ASN B 203 17.30 28.97 -0.82
CA ASN B 203 18.05 30.18 -0.47
C ASN B 203 17.45 30.82 0.75
N PRO B 204 18.28 31.17 1.74
CA PRO B 204 17.70 31.83 2.98
C PRO B 204 17.55 33.33 2.84
N THR B 205 16.78 33.75 1.84
CA THR B 205 16.77 35.13 1.41
C THR B 205 15.35 35.66 1.28
N VAL B 206 14.36 35.03 1.94
CA VAL B 206 12.98 35.48 1.85
C VAL B 206 12.41 36.13 3.15
N LEU B 207 11.87 37.30 3.01
CA LEU B 207 11.03 37.92 4.04
C LEU B 207 9.61 37.40 3.82
N TRP B 208 9.19 36.53 4.73
CA TRP B 208 7.82 35.95 4.70
C TRP B 208 6.76 36.84 5.33
N THR B 209 5.62 37.01 4.67
CA THR B 209 4.41 37.56 5.32
C THR B 209 3.37 36.48 5.12
N VAL B 210 2.88 35.89 6.22
CA VAL B 210 1.75 34.96 6.13
C VAL B 210 0.54 35.64 6.67
N PHE B 211 -0.46 35.83 5.86
CA PHE B 211 -1.72 36.45 6.40
C PHE B 211 -2.37 35.66 7.51
N ARG B 212 -2.87 36.34 8.54
CA ARG B 212 -3.46 35.61 9.66
C ARG B 212 -4.69 34.81 9.21
N ASN B 213 -5.53 35.39 8.34
CA ASN B 213 -6.83 34.78 8.04
C ASN B 213 -6.77 33.97 6.75
N PRO B 214 -7.36 32.76 6.74
CA PRO B 214 -7.38 32.00 5.50
C PRO B 214 -8.44 32.51 4.55
N VAL B 215 -8.27 32.14 3.30
CA VAL B 215 -9.38 32.18 2.34
C VAL B 215 -10.01 30.78 2.18
N GLN B 216 -11.16 30.70 1.55
CA GLN B 216 -11.85 29.40 1.31
C GLN B 216 -11.95 29.16 -0.18
N ILE B 217 -11.70 27.90 -0.57
CA ILE B 217 -12.07 27.43 -1.91
C ILE B 217 -12.87 26.10 -1.66
N SER B 218 -13.67 25.67 -2.64
CA SER B 218 -14.51 24.50 -2.38
C SER B 218 -13.82 23.20 -2.54
N GLN B 219 -14.46 22.13 -2.03
N GLN B 219 -14.46 22.14 -1.99
CA GLN B 219 -13.92 20.78 -2.18
CA GLN B 219 -14.10 20.71 -2.13
C GLN B 219 -13.76 20.48 -3.67
C GLN B 219 -13.84 20.42 -3.60
N GLU B 220 -14.71 20.91 -4.49
CA GLU B 220 -14.59 20.60 -5.96
C GLU B 220 -13.37 21.33 -6.57
N GLN B 221 -13.11 22.55 -6.09
CA GLN B 221 -11.94 23.29 -6.59
C GLN B 221 -10.66 22.63 -6.11
N LEU B 222 -10.63 22.17 -4.87
CA LEU B 222 -9.42 21.46 -4.37
C LEU B 222 -9.24 20.16 -5.17
N LEU B 223 -10.33 19.43 -5.44
CA LEU B 223 -10.25 18.16 -6.18
C LEU B 223 -9.68 18.41 -7.55
N ALA B 224 -10.14 19.47 -8.26
CA ALA B 224 -9.59 19.79 -9.57
C ALA B 224 -8.12 20.08 -9.46
N LEU B 225 -7.71 20.87 -8.46
CA LEU B 225 -6.29 21.22 -8.34
C LEU B 225 -5.43 19.95 -8.10
N GLU B 226 -5.98 19.06 -7.29
CA GLU B 226 -5.26 17.88 -6.82
C GLU B 226 -5.26 16.77 -7.88
N THR B 227 -6.12 16.84 -8.88
CA THR B 227 -6.20 15.81 -9.90
C THR B 227 -5.82 16.29 -11.27
N ALA B 228 -5.68 17.58 -11.53
CA ALA B 228 -5.44 18.04 -12.92
C ALA B 228 -3.98 17.87 -13.44
N LEU B 229 -3.01 17.83 -12.57
CA LEU B 229 -1.64 18.18 -12.99
C LEU B 229 -0.70 17.03 -12.70
N TYR B 230 0.29 16.96 -13.57
CA TYR B 230 1.42 15.97 -13.55
C TYR B 230 2.74 16.69 -13.46
N CYS B 231 3.66 16.08 -12.75
CA CYS B 231 5.02 16.61 -12.66
C CYS B 231 5.81 16.34 -13.95
N THR B 232 5.32 15.40 -14.73
CA THR B 232 6.11 14.83 -15.86
C THR B 232 5.58 15.38 -17.18
N HIS B 233 6.45 15.26 -18.23
CA HIS B 233 6.00 15.56 -19.56
C HIS B 233 4.86 14.69 -20.08
N MET B 234 4.10 15.24 -21.04
CA MET B 234 3.00 14.53 -21.71
C MET B 234 3.41 13.16 -22.21
N ASP B 235 4.65 13.05 -22.64
CA ASP B 235 5.09 11.77 -23.22
C ASP B 235 5.90 10.90 -22.30
N ASP B 236 5.89 11.15 -21.00
CA ASP B 236 6.74 10.40 -20.09
C ASP B 236 6.14 9.06 -19.83
N PRO B 237 6.87 7.95 -19.99
CA PRO B 237 6.35 6.63 -19.73
C PRO B 237 6.31 6.29 -18.23
N SER B 238 6.78 7.21 -17.37
N SER B 238 6.80 7.12 -17.29
CA SER B 238 6.74 7.06 -15.93
CA SER B 238 6.52 6.85 -15.85
C SER B 238 6.02 8.32 -15.37
C SER B 238 5.96 8.12 -15.24
N PRO B 239 4.71 8.42 -15.59
CA PRO B 239 4.02 9.65 -15.12
C PRO B 239 3.94 9.73 -13.61
N ARG B 240 3.98 11.00 -13.13
CA ARG B 240 3.93 11.21 -11.65
C ARG B 240 2.91 12.32 -11.44
N GLU B 241 1.86 12.02 -10.67
CA GLU B 241 0.89 13.08 -10.33
C GLU B 241 1.54 14.22 -9.52
N MET B 242 1.11 15.46 -9.79
CA MET B 242 1.59 16.57 -8.96
C MET B 242 0.59 16.76 -7.78
N ILE B 243 1.02 16.11 -6.70
CA ILE B 243 0.26 16.02 -5.45
C ILE B 243 1.26 16.15 -4.30
N ASN B 244 0.74 16.59 -3.15
CA ASN B 244 1.51 16.65 -1.93
C ASN B 244 2.85 17.39 -2.13
N ASN B 245 2.75 18.52 -2.86
CA ASN B 245 3.91 19.36 -3.15
C ASN B 245 4.13 20.46 -2.13
N PHE B 246 4.28 20.04 -0.89
CA PHE B 246 4.64 20.95 0.20
C PHE B 246 5.75 20.34 1.02
N ARG B 247 6.58 21.19 1.55
CA ARG B 247 7.71 20.75 2.44
C ARG B 247 7.19 20.66 3.87
N GLN B 248 7.74 19.71 4.64
CA GLN B 248 7.48 19.64 6.09
C GLN B 248 8.00 20.89 6.77
N VAL B 249 7.39 21.23 7.89
CA VAL B 249 7.86 22.42 8.63
C VAL B 249 9.27 22.14 9.22
N GLN B 250 10.01 23.22 9.42
CA GLN B 250 11.41 23.19 9.76
C GLN B 250 11.65 23.62 11.20
N LYS B 251 12.78 23.18 11.74
CA LYS B 251 13.18 23.71 13.08
C LYS B 251 13.30 25.24 13.08
N PHE B 252 12.88 25.86 14.19
N PHE B 252 12.80 25.82 14.19
CA PHE B 252 13.00 27.29 14.28
CA PHE B 252 12.88 27.24 14.52
C PHE B 252 14.22 27.57 15.11
C PHE B 252 14.24 27.49 15.17
N ASP B 253 15.32 27.66 14.40
CA ASP B 253 16.63 27.84 15.02
C ASP B 253 16.70 29.20 15.71
N GLU B 254 16.03 29.30 16.86
CA GLU B 254 16.11 30.53 17.68
C GLU B 254 15.39 31.76 17.07
N ARG B 255 14.72 31.58 15.96
N ARG B 255 14.77 31.58 15.90
CA ARG B 255 14.03 32.68 15.31
CA ARG B 255 13.94 32.62 15.27
C ARG B 255 12.64 32.91 15.98
C ARG B 255 12.69 32.94 16.15
N LEU B 256 12.20 34.18 16.08
CA LEU B 256 10.83 34.50 16.49
C LEU B 256 10.08 34.88 15.20
N VAL B 257 8.75 34.79 15.30
CA VAL B 257 7.87 35.27 14.28
C VAL B 257 7.16 36.46 14.86
N TYR B 258 7.13 37.54 14.10
CA TYR B 258 6.57 38.82 14.58
C TYR B 258 5.17 39.00 14.07
N THR B 259 4.22 39.51 14.84
CA THR B 259 2.86 39.56 14.44
C THR B 259 2.37 41.03 14.44
N SER B 260 1.52 41.36 13.50
CA SER B 260 1.02 42.74 13.38
C SER B 260 -0.20 42.87 14.22
N PHE B 261 -0.60 41.76 14.87
CA PHE B 261 -1.84 41.73 15.63
C PHE B 261 -1.42 41.32 17.04
N SER B 262 -2.04 41.92 18.06
CA SER B 262 -1.58 41.60 19.41
C SER B 262 -2.35 40.44 20.00
N GLN B 263 -3.57 40.24 19.50
CA GLN B 263 -4.52 39.24 20.00
C GLN B 263 -5.48 38.93 18.87
N LYS C 3 12.93 -25.85 -7.09
CA LYS C 3 12.82 -24.46 -6.55
C LYS C 3 11.63 -23.68 -7.20
N TRP C 4 10.45 -24.30 -7.15
CA TRP C 4 9.17 -23.59 -7.40
C TRP C 4 8.74 -22.78 -6.20
N THR C 5 7.88 -21.79 -6.47
CA THR C 5 7.38 -20.93 -5.45
C THR C 5 5.88 -20.62 -5.67
N TYR C 6 5.23 -20.16 -4.61
CA TYR C 6 3.86 -19.66 -4.68
C TYR C 6 3.81 -18.22 -5.10
N PHE C 7 4.94 -17.50 -4.97
CA PHE C 7 4.92 -16.04 -5.16
C PHE C 7 5.62 -15.81 -6.45
N GLY C 8 5.25 -14.78 -7.21
CA GLY C 8 6.03 -14.37 -8.39
C GLY C 8 6.53 -15.32 -9.48
N PRO C 9 7.64 -14.91 -10.09
CA PRO C 9 8.17 -15.53 -11.31
C PRO C 9 8.07 -17.04 -11.29
N ASP C 10 8.73 -17.66 -10.32
CA ASP C 10 8.75 -19.15 -10.25
C ASP C 10 7.42 -19.76 -9.82
N GLY C 11 6.41 -18.85 -9.84
CA GLY C 11 4.95 -18.91 -9.36
C GLY C 11 4.03 -19.82 -10.20
N GLU C 12 2.79 -20.00 -9.71
CA GLU C 12 1.99 -21.12 -10.26
C GLU C 12 1.84 -21.14 -11.76
N ASN C 13 1.70 -20.01 -12.46
CA ASN C 13 1.51 -20.10 -13.89
C ASN C 13 2.74 -20.61 -14.66
N SER C 14 3.89 -20.59 -14.00
N SER C 14 3.91 -20.58 -14.02
CA SER C 14 5.12 -21.07 -14.57
CA SER C 14 5.12 -21.11 -14.62
C SER C 14 5.45 -22.52 -14.21
C SER C 14 5.50 -22.51 -14.14
N TRP C 15 4.70 -23.11 -13.26
CA TRP C 15 5.00 -24.49 -12.84
C TRP C 15 5.12 -25.45 -13.97
N SER C 16 4.26 -25.31 -15.01
CA SER C 16 4.20 -26.31 -16.08
C SER C 16 5.48 -26.40 -16.90
N LYS C 17 6.35 -25.39 -16.72
N LYS C 17 6.34 -25.38 -16.88
CA LYS C 17 7.64 -25.31 -17.42
CA LYS C 17 7.62 -25.52 -17.66
C LYS C 17 8.54 -26.50 -17.06
C LYS C 17 8.44 -26.72 -17.06
N LYS C 18 8.69 -26.73 -15.77
CA LYS C 18 9.47 -27.83 -15.19
C LYS C 18 8.62 -29.03 -14.82
N TYR C 19 7.32 -28.81 -14.61
CA TYR C 19 6.43 -29.89 -14.11
C TYR C 19 5.22 -30.03 -15.06
N PRO C 20 5.38 -30.78 -16.16
CA PRO C 20 4.43 -30.67 -17.23
C PRO C 20 3.02 -31.04 -16.72
N SER C 21 2.91 -31.88 -15.71
CA SER C 21 1.54 -32.34 -15.25
C SER C 21 0.75 -31.14 -14.75
N CYS C 22 1.43 -30.05 -14.41
CA CYS C 22 0.72 -28.85 -13.87
C CYS C 22 -0.09 -28.20 -14.99
N GLY C 23 0.16 -28.50 -16.28
CA GLY C 23 -0.69 -28.03 -17.39
C GLY C 23 -1.58 -29.11 -17.95
N GLY C 24 -1.69 -30.22 -17.20
CA GLY C 24 -2.37 -31.44 -17.69
C GLY C 24 -3.78 -31.58 -17.28
N LEU C 25 -4.24 -32.82 -17.32
CA LEU C 25 -5.62 -33.17 -16.87
C LEU C 25 -5.69 -33.24 -15.38
N LEU C 26 -6.95 -33.20 -14.94
CA LEU C 26 -7.37 -33.54 -13.57
C LEU C 26 -6.74 -32.64 -12.50
N GLN C 27 -6.58 -31.36 -12.84
CA GLN C 27 -5.94 -30.48 -11.85
C GLN C 27 -6.79 -29.97 -10.69
N SER C 28 -6.19 -29.90 -9.49
CA SER C 28 -6.87 -29.41 -8.24
C SER C 28 -6.12 -28.13 -7.83
N PRO C 29 -6.72 -27.33 -6.98
CA PRO C 29 -8.03 -27.45 -6.40
C PRO C 29 -9.09 -26.88 -7.38
N ILE C 30 -10.33 -27.01 -6.91
CA ILE C 30 -11.50 -26.60 -7.72
C ILE C 30 -12.50 -25.91 -6.80
N ASP C 31 -13.47 -25.23 -7.45
CA ASP C 31 -14.66 -24.73 -6.78
C ASP C 31 -15.74 -25.75 -6.68
N LEU C 32 -16.27 -25.90 -5.45
CA LEU C 32 -17.32 -26.86 -5.19
C LEU C 32 -18.67 -26.15 -5.14
N HIS C 33 -19.52 -26.43 -6.11
CA HIS C 33 -20.73 -25.60 -6.25
C HIS C 33 -21.88 -26.48 -6.70
N SER C 34 -23.13 -26.06 -6.45
N SER C 34 -23.14 -26.08 -6.45
CA SER C 34 -24.27 -26.98 -6.44
CA SER C 34 -24.27 -27.04 -6.47
C SER C 34 -24.54 -27.67 -7.75
C SER C 34 -24.53 -27.70 -7.78
N ASP C 35 -24.34 -26.94 -8.86
CA ASP C 35 -24.65 -27.43 -10.19
C ASP C 35 -23.74 -28.57 -10.65
N ILE C 36 -22.62 -28.82 -9.96
CA ILE C 36 -21.76 -29.97 -10.32
C ILE C 36 -21.77 -31.06 -9.24
N LEU C 37 -22.59 -30.95 -8.22
CA LEU C 37 -22.61 -31.95 -7.13
C LEU C 37 -23.57 -33.07 -7.43
N GLN C 38 -23.18 -34.31 -7.17
CA GLN C 38 -24.09 -35.44 -7.35
C GLN C 38 -23.95 -36.42 -6.16
N TYR C 39 -25.07 -36.70 -5.46
CA TYR C 39 -25.05 -37.72 -4.44
C TYR C 39 -24.59 -39.07 -4.98
N ASP C 40 -23.69 -39.74 -4.24
CA ASP C 40 -23.09 -41.04 -4.69
C ASP C 40 -23.22 -42.01 -3.47
N ALA C 41 -24.06 -43.06 -3.60
CA ALA C 41 -24.29 -43.99 -2.45
C ALA C 41 -23.05 -44.79 -2.06
N SER C 42 -22.05 -44.85 -2.93
CA SER C 42 -20.86 -45.57 -2.59
C SER C 42 -20.05 -44.84 -1.49
N LEU C 43 -20.45 -43.60 -1.16
CA LEU C 43 -19.57 -42.74 -0.33
C LEU C 43 -19.89 -42.87 1.12
N THR C 44 -19.52 -44.04 1.66
CA THR C 44 -19.86 -44.39 3.06
C THR C 44 -18.88 -43.68 3.98
N PRO C 45 -19.08 -43.71 5.31
CA PRO C 45 -18.10 -43.05 6.23
C PRO C 45 -16.69 -43.67 6.21
N LEU C 46 -15.67 -42.83 6.18
CA LEU C 46 -14.31 -43.29 6.33
C LEU C 46 -14.03 -43.62 7.79
N GLU C 47 -13.08 -44.50 8.02
CA GLU C 47 -12.62 -44.85 9.33
C GLU C 47 -11.19 -44.43 9.46
N PHE C 48 -10.85 -43.70 10.51
CA PHE C 48 -9.48 -43.18 10.64
C PHE C 48 -8.76 -44.01 11.68
N GLN C 49 -7.72 -44.71 11.27
CA GLN C 49 -7.02 -45.65 12.14
C GLN C 49 -5.59 -45.27 12.49
N GLY C 50 -5.19 -45.49 13.78
CA GLY C 50 -3.83 -45.18 14.22
C GLY C 50 -3.49 -43.69 14.25
N TYR C 51 -4.52 -42.89 14.37
CA TYR C 51 -4.43 -41.41 14.33
C TYR C 51 -3.96 -40.91 15.69
N ASN C 52 -4.18 -41.72 16.74
CA ASN C 52 -3.88 -41.20 18.08
C ASN C 52 -2.37 -41.39 18.34
N LEU C 53 -1.59 -40.33 18.15
CA LEU C 53 -0.17 -40.56 18.16
C LEU C 53 0.27 -40.26 19.58
N SER C 54 0.96 -41.18 20.21
CA SER C 54 1.42 -40.98 21.58
C SER C 54 2.12 -39.62 21.85
N ALA C 55 1.73 -38.97 22.93
CA ALA C 55 2.53 -37.82 23.47
C ALA C 55 4.05 -38.06 23.62
N ASN C 56 4.46 -39.34 23.80
CA ASN C 56 5.87 -39.62 24.17
C ASN C 56 6.68 -39.73 22.89
N LYS C 57 5.94 -39.85 21.79
CA LYS C 57 6.60 -39.95 20.49
C LYS C 57 6.74 -38.52 19.93
N GLN C 58 7.57 -38.38 18.89
CA GLN C 58 7.70 -37.06 18.28
C GLN C 58 7.78 -37.17 16.75
N PHE C 59 7.38 -36.06 16.10
CA PHE C 59 7.20 -35.95 14.61
C PHE C 59 7.83 -34.73 14.01
N LEU C 60 8.62 -34.86 12.94
CA LEU C 60 9.49 -33.81 12.45
C LEU C 60 8.63 -32.80 11.69
N LEU C 61 8.77 -31.60 12.10
CA LEU C 61 8.15 -30.46 11.43
C LEU C 61 9.21 -29.69 10.63
N THR C 62 8.87 -29.37 9.39
CA THR C 62 9.87 -28.84 8.47
C THR C 62 9.27 -27.62 7.78
N ASN C 63 10.04 -26.53 7.71
N ASN C 63 9.99 -26.49 7.76
CA ASN C 63 9.75 -25.48 6.82
CA ASN C 63 9.72 -25.52 6.75
C ASN C 63 10.44 -25.76 5.51
C ASN C 63 10.44 -25.93 5.55
N ASN C 64 9.67 -26.23 4.51
CA ASN C 64 10.29 -26.56 3.26
C ASN C 64 10.23 -25.45 2.32
N GLY C 65 9.89 -24.27 2.88
CA GLY C 65 9.90 -23.01 2.14
C GLY C 65 8.50 -22.71 1.62
N HIS C 66 7.71 -23.77 1.51
CA HIS C 66 6.35 -23.69 0.97
C HIS C 66 5.25 -23.73 1.93
N SER C 67 5.43 -24.44 3.03
CA SER C 67 4.46 -24.57 4.05
C SER C 67 5.16 -25.05 5.31
N VAL C 68 4.39 -25.32 6.30
CA VAL C 68 4.91 -26.15 7.39
C VAL C 68 4.23 -27.53 7.38
N LYS C 69 5.11 -28.54 7.22
CA LYS C 69 4.70 -29.96 7.11
C LYS C 69 5.14 -30.64 8.37
N LEU C 70 4.25 -31.50 8.85
CA LEU C 70 4.56 -32.49 9.84
C LEU C 70 4.65 -33.87 9.23
N ASN C 71 5.80 -34.50 9.42
CA ASN C 71 5.97 -35.90 9.02
C ASN C 71 4.97 -36.80 9.80
N LEU C 72 4.30 -37.80 9.16
CA LEU C 72 3.33 -38.64 9.91
C LEU C 72 3.73 -40.16 9.67
N PRO C 73 3.39 -41.05 10.59
CA PRO C 73 3.96 -42.43 10.42
C PRO C 73 2.99 -43.37 9.67
N SER C 74 3.58 -44.28 8.91
CA SER C 74 2.79 -45.18 8.05
C SER C 74 1.69 -46.09 8.71
N ASP C 75 1.63 -46.22 10.06
CA ASP C 75 0.54 -46.93 10.79
C ASP C 75 -0.80 -46.26 10.88
N MET C 76 -0.73 -44.96 10.57
CA MET C 76 -1.88 -44.16 10.51
C MET C 76 -2.45 -44.45 9.13
N HIS C 77 -3.70 -44.85 9.12
CA HIS C 77 -4.38 -45.06 7.82
C HIS C 77 -5.84 -44.85 7.70
N ILE C 78 -6.28 -44.67 6.43
CA ILE C 78 -7.67 -44.61 6.17
C ILE C 78 -8.20 -45.98 5.80
N GLN C 79 -9.30 -46.32 6.41
CA GLN C 79 -10.00 -47.56 6.16
C GLN C 79 -11.30 -47.15 5.44
N GLY C 80 -11.64 -47.86 4.40
CA GLY C 80 -12.94 -47.61 3.77
C GLY C 80 -12.84 -47.27 2.30
N LEU C 81 -11.62 -47.08 1.81
CA LEU C 81 -11.46 -46.85 0.37
C LEU C 81 -11.11 -48.19 -0.30
N GLN C 82 -10.89 -48.17 -1.59
CA GLN C 82 -10.59 -49.42 -2.31
C GLN C 82 -9.24 -50.07 -2.00
N SER C 83 -8.31 -49.29 -1.46
CA SER C 83 -6.99 -49.74 -1.09
C SER C 83 -6.78 -49.13 0.28
N ARG C 84 -5.86 -49.68 1.07
CA ARG C 84 -5.35 -48.97 2.26
C ARG C 84 -4.54 -47.78 1.85
N TYR C 85 -4.84 -46.61 2.47
CA TYR C 85 -3.95 -45.46 2.30
C TYR C 85 -3.37 -45.08 3.64
N SER C 86 -2.05 -45.04 3.69
CA SER C 86 -1.36 -44.77 4.92
C SER C 86 -0.92 -43.30 4.90
N ALA C 87 -0.93 -42.74 6.09
CA ALA C 87 -0.42 -41.36 6.27
C ALA C 87 1.06 -41.12 5.96
N THR C 88 1.40 -39.92 5.44
CA THR C 88 2.78 -39.53 5.20
C THR C 88 3.10 -38.19 5.85
N GLN C 89 2.13 -37.27 5.81
CA GLN C 89 2.32 -35.94 6.41
C GLN C 89 1.07 -35.16 6.33
N LEU C 90 1.04 -34.07 7.08
CA LEU C 90 0.06 -33.03 6.85
C LEU C 90 0.70 -31.70 6.79
N HIS C 91 -0.14 -30.72 6.38
CA HIS C 91 0.37 -29.39 6.16
C HIS C 91 -0.81 -28.48 5.91
N LEU C 92 -0.50 -27.16 5.78
CA LEU C 92 -1.61 -26.17 5.77
C LEU C 92 -1.39 -25.23 4.61
N HIS C 93 -2.49 -24.57 4.20
CA HIS C 93 -2.45 -23.55 3.14
C HIS C 93 -3.28 -22.37 3.67
N TRP C 94 -2.70 -21.20 3.49
CA TRP C 94 -3.22 -19.97 4.05
C TRP C 94 -3.08 -18.77 3.12
N GLY C 95 -3.80 -17.73 3.58
CA GLY C 95 -3.78 -16.38 2.93
C GLY C 95 -2.74 -15.39 3.57
N ASN C 96 -3.25 -14.19 3.86
CA ASN C 96 -2.37 -13.14 4.47
C ASN C 96 -3.27 -12.25 5.34
N PRO C 97 -2.64 -11.42 6.22
CA PRO C 97 -3.50 -10.70 7.12
C PRO C 97 -4.40 -9.66 6.47
N ASN C 98 -3.99 -9.16 5.35
CA ASN C 98 -4.81 -8.18 4.57
C ASN C 98 -5.95 -8.86 3.78
N ASP C 99 -5.78 -10.16 3.53
CA ASP C 99 -6.84 -10.89 2.80
C ASP C 99 -6.82 -12.35 3.34
N PRO C 100 -7.48 -12.59 4.45
CA PRO C 100 -7.27 -13.84 5.19
C PRO C 100 -8.24 -14.93 4.69
N HIS C 101 -8.04 -15.26 3.41
CA HIS C 101 -8.93 -16.23 2.71
C HIS C 101 -8.08 -17.07 1.80
N GLY C 102 -7.33 -18.04 2.37
CA GLY C 102 -6.33 -18.77 1.62
C GLY C 102 -6.48 -20.29 1.56
N SER C 103 -7.74 -20.73 1.70
CA SER C 103 -8.03 -22.16 1.34
C SER C 103 -7.70 -22.42 -0.13
N GLU C 104 -7.51 -23.70 -0.43
CA GLU C 104 -7.27 -24.07 -1.81
C GLU C 104 -8.62 -24.33 -2.50
N HIS C 105 -9.36 -25.29 -2.05
CA HIS C 105 -10.78 -25.41 -2.50
C HIS C 105 -11.66 -24.26 -2.05
N THR C 106 -12.61 -23.94 -2.90
CA THR C 106 -13.63 -22.97 -2.55
C THR C 106 -15.00 -23.66 -2.63
N VAL C 107 -15.99 -23.04 -1.91
CA VAL C 107 -17.34 -23.49 -1.90
C VAL C 107 -18.26 -22.37 -2.37
N SER C 108 -18.97 -22.61 -3.48
CA SER C 108 -19.80 -21.55 -4.09
C SER C 108 -18.99 -20.27 -4.30
N GLY C 109 -17.75 -20.41 -4.75
CA GLY C 109 -16.91 -19.30 -5.09
C GLY C 109 -16.16 -18.69 -3.93
N GLN C 110 -16.44 -19.16 -2.72
CA GLN C 110 -15.89 -18.54 -1.52
C GLN C 110 -14.68 -19.30 -0.94
N HIS C 111 -13.59 -18.59 -0.70
CA HIS C 111 -12.45 -19.19 0.01
C HIS C 111 -12.80 -19.26 1.46
N PHE C 112 -12.27 -20.28 2.11
CA PHE C 112 -12.21 -20.29 3.57
C PHE C 112 -10.90 -19.65 4.02
N ALA C 113 -10.71 -19.43 5.35
CA ALA C 113 -9.46 -18.89 5.80
C ALA C 113 -8.17 -19.58 5.48
N ALA C 114 -8.19 -20.93 5.57
CA ALA C 114 -7.10 -21.77 5.46
C ALA C 114 -7.64 -23.18 5.14
N GLU C 115 -6.72 -24.08 4.85
CA GLU C 115 -7.13 -25.49 4.56
C GLU C 115 -5.95 -26.39 5.10
N LEU C 116 -6.35 -27.48 5.76
CA LEU C 116 -5.38 -28.48 6.23
C LEU C 116 -5.47 -29.70 5.27
N HIS C 117 -4.33 -30.23 4.87
CA HIS C 117 -4.23 -31.43 4.01
C HIS C 117 -3.64 -32.54 4.87
N ILE C 118 -4.33 -33.66 4.97
CA ILE C 118 -3.76 -34.90 5.60
C ILE C 118 -3.40 -35.90 4.50
N VAL C 119 -2.13 -35.99 4.11
CA VAL C 119 -1.65 -36.67 2.86
C VAL C 119 -1.48 -38.17 3.20
N HIS C 120 -2.12 -39.03 2.44
CA HIS C 120 -1.89 -40.52 2.64
C HIS C 120 -1.43 -41.09 1.28
N TYR C 121 -0.73 -42.26 1.23
CA TYR C 121 -0.30 -42.87 -0.03
C TYR C 121 -0.84 -44.33 -0.06
N ASN C 122 -0.96 -44.86 -1.24
CA ASN C 122 -1.53 -46.26 -1.40
C ASN C 122 -0.41 -47.29 -1.06
N SER C 123 -0.51 -47.75 0.18
CA SER C 123 0.57 -48.58 0.72
C SER C 123 0.31 -50.03 0.28
N ASP C 124 -0.93 -50.34 -0.12
CA ASP C 124 -1.16 -51.63 -0.88
C ASP C 124 -0.41 -51.80 -2.19
N LEU C 125 -0.21 -50.72 -2.97
CA LEU C 125 0.52 -50.81 -4.20
C LEU C 125 1.97 -50.39 -4.19
N TYR C 126 2.31 -49.51 -3.26
CA TYR C 126 3.59 -48.78 -3.39
C TYR C 126 4.28 -48.74 -2.04
N PRO C 127 5.64 -48.71 -2.03
CA PRO C 127 6.34 -48.82 -0.72
C PRO C 127 6.43 -47.54 0.12
N ASP C 128 6.24 -46.39 -0.53
CA ASP C 128 6.30 -45.12 0.20
C ASP C 128 5.61 -44.03 -0.62
N ALA C 129 5.44 -42.87 0.01
CA ALA C 129 4.73 -41.74 -0.63
C ALA C 129 5.46 -41.13 -1.83
N SER C 130 6.77 -41.01 -1.73
CA SER C 130 7.61 -40.74 -2.88
C SER C 130 7.37 -41.59 -4.10
N THR C 131 7.34 -42.94 -3.96
CA THR C 131 7.19 -43.78 -5.13
C THR C 131 5.70 -43.65 -5.58
N ALA C 132 4.83 -43.50 -4.59
CA ALA C 132 3.35 -43.48 -4.88
C ALA C 132 2.92 -42.22 -5.63
N SER C 133 3.64 -41.12 -5.40
CA SER C 133 3.02 -39.81 -5.71
C SER C 133 2.85 -39.56 -7.21
N ASN C 134 3.66 -40.18 -8.06
CA ASN C 134 3.49 -39.99 -9.50
C ASN C 134 2.91 -41.24 -10.17
N LYS C 135 2.20 -42.06 -9.38
CA LYS C 135 1.73 -43.34 -9.92
C LYS C 135 0.25 -43.49 -9.70
N SER C 136 -0.31 -44.39 -10.51
CA SER C 136 -1.71 -44.64 -10.55
C SER C 136 -2.28 -44.88 -9.19
N GLU C 137 -3.35 -44.17 -8.82
CA GLU C 137 -4.03 -44.40 -7.51
C GLU C 137 -3.09 -44.25 -6.32
N GLY C 138 -2.11 -43.36 -6.46
CA GLY C 138 -1.01 -43.23 -5.52
C GLY C 138 -1.40 -42.60 -4.21
N LEU C 139 -2.32 -41.59 -4.25
CA LEU C 139 -2.51 -40.72 -3.12
C LEU C 139 -3.96 -40.52 -2.75
N ALA C 140 -4.23 -40.30 -1.50
CA ALA C 140 -5.51 -39.84 -1.04
C ALA C 140 -5.31 -38.78 -0.01
N VAL C 141 -5.96 -37.62 -0.21
CA VAL C 141 -5.77 -36.51 0.71
C VAL C 141 -7.11 -36.12 1.36
N LEU C 142 -7.09 -35.83 2.66
CA LEU C 142 -8.28 -35.37 3.40
C LEU C 142 -8.09 -33.88 3.49
N ALA C 143 -9.10 -33.13 3.10
CA ALA C 143 -9.05 -31.67 3.22
C ALA C 143 -10.07 -31.18 4.20
N VAL C 144 -9.57 -30.34 5.15
CA VAL C 144 -10.46 -29.68 6.13
C VAL C 144 -10.40 -28.15 5.88
N LEU C 145 -11.60 -27.57 5.70
CA LEU C 145 -11.71 -26.12 5.52
C LEU C 145 -11.75 -25.50 6.90
N ILE C 146 -10.97 -24.40 6.99
CA ILE C 146 -10.77 -23.70 8.28
C ILE C 146 -11.36 -22.32 8.19
N GLU C 147 -12.20 -21.93 9.16
CA GLU C 147 -12.76 -20.54 9.25
C GLU C 147 -12.58 -19.93 10.66
N MET C 148 -12.42 -18.60 10.77
CA MET C 148 -12.45 -17.93 12.11
C MET C 148 -13.70 -18.23 12.97
N GLY C 149 -13.44 -18.41 14.26
CA GLY C 149 -14.45 -18.55 15.30
C GLY C 149 -13.65 -18.79 16.58
N SER C 150 -14.07 -19.82 17.33
CA SER C 150 -13.46 -20.24 18.64
C SER C 150 -12.02 -20.70 18.58
N PHE C 151 -11.29 -20.50 19.70
CA PHE C 151 -9.91 -21.00 19.85
C PHE C 151 -9.95 -22.51 19.62
N ASN C 152 -8.90 -23.04 18.99
CA ASN C 152 -8.76 -24.50 18.79
C ASN C 152 -7.51 -25.10 19.42
N PRO C 153 -7.70 -25.83 20.54
CA PRO C 153 -6.68 -26.59 21.28
C PRO C 153 -5.82 -27.51 20.44
N SER C 154 -6.48 -28.24 19.52
CA SER C 154 -5.76 -29.22 18.73
C SER C 154 -4.90 -28.61 17.71
N TYR C 155 -5.42 -27.56 17.01
CA TYR C 155 -4.59 -26.85 16.05
C TYR C 155 -3.39 -26.18 16.72
N ASP C 156 -3.59 -25.78 17.95
CA ASP C 156 -2.46 -25.21 18.71
C ASP C 156 -1.23 -26.12 19.02
N LYS C 157 -1.36 -27.45 18.85
CA LYS C 157 -0.27 -28.37 19.11
C LYS C 157 0.65 -28.26 17.93
N ILE C 158 0.14 -27.78 16.79
CA ILE C 158 1.08 -27.57 15.72
C ILE C 158 1.62 -26.16 15.90
N PHE C 159 0.68 -25.27 16.19
CA PHE C 159 0.94 -23.86 15.90
C PHE C 159 2.01 -23.38 16.87
N SER C 160 2.14 -24.07 18.00
N SER C 160 2.19 -24.10 17.96
CA SER C 160 3.01 -23.60 19.06
CA SER C 160 3.05 -23.61 19.02
C SER C 160 4.48 -23.71 18.75
C SER C 160 4.48 -23.99 18.88
N HIS C 161 4.81 -24.40 17.67
CA HIS C 161 6.16 -24.67 17.31
C HIS C 161 6.60 -23.96 16.12
N LEU C 162 5.75 -23.05 15.61
CA LEU C 162 6.08 -22.40 14.36
C LEU C 162 7.33 -21.57 14.50
N GLN C 163 7.59 -21.00 15.69
CA GLN C 163 8.78 -20.13 15.87
C GLN C 163 10.08 -20.95 15.86
N HIS C 164 9.97 -22.28 15.90
CA HIS C 164 11.18 -23.11 15.77
C HIS C 164 11.62 -23.42 14.35
N VAL C 165 10.71 -23.19 13.39
CA VAL C 165 11.01 -23.46 12.00
C VAL C 165 10.80 -22.20 11.12
N LYS C 166 11.28 -21.06 11.56
CA LYS C 166 10.91 -19.83 10.88
C LYS C 166 11.50 -19.70 9.54
N TYR C 167 12.56 -20.44 9.25
CA TYR C 167 13.22 -20.20 7.99
C TYR C 167 13.18 -21.44 7.12
N LYS C 168 13.41 -21.25 5.81
CA LYS C 168 13.36 -22.39 4.91
C LYS C 168 14.49 -23.39 5.27
N GLY C 169 14.11 -24.67 5.30
CA GLY C 169 15.01 -25.77 5.57
C GLY C 169 15.09 -26.11 7.03
N GLN C 170 14.51 -25.29 7.92
CA GLN C 170 14.62 -25.58 9.33
C GLN C 170 13.72 -26.66 9.78
N GLU C 171 14.21 -27.47 10.69
CA GLU C 171 13.34 -28.53 11.30
C GLU C 171 13.23 -28.45 12.80
N ALA C 172 12.13 -28.95 13.33
CA ALA C 172 11.92 -29.06 14.79
C ALA C 172 11.01 -30.21 15.09
N PHE C 173 10.97 -30.68 16.32
CA PHE C 173 10.08 -31.82 16.69
C PHE C 173 8.82 -31.32 17.43
N VAL C 174 7.70 -32.01 17.22
CA VAL C 174 6.38 -31.74 17.89
C VAL C 174 6.01 -33.06 18.48
N PRO C 175 5.68 -33.05 19.79
CA PRO C 175 5.28 -34.32 20.38
C PRO C 175 4.03 -34.86 19.68
N GLY C 176 3.76 -36.15 19.76
CA GLY C 176 2.61 -36.78 19.16
C GLY C 176 1.32 -36.34 19.86
N PHE C 177 0.22 -36.39 19.11
CA PHE C 177 -1.18 -36.11 19.63
C PHE C 177 -2.19 -36.78 18.67
N ASN C 178 -3.48 -36.79 19.00
CA ASN C 178 -4.43 -37.47 18.19
C ASN C 178 -4.80 -36.64 16.92
N ILE C 179 -4.28 -37.08 15.76
CA ILE C 179 -4.49 -36.33 14.54
C ILE C 179 -5.98 -36.15 14.25
N GLU C 180 -6.78 -37.05 14.78
CA GLU C 180 -8.20 -37.01 14.48
C GLU C 180 -8.90 -35.76 15.06
N GLU C 181 -8.31 -35.13 16.07
CA GLU C 181 -9.00 -33.94 16.59
C GLU C 181 -8.99 -32.75 15.59
N LEU C 182 -8.10 -32.80 14.57
CA LEU C 182 -8.02 -31.79 13.45
C LEU C 182 -9.31 -31.85 12.51
N LEU C 183 -9.95 -33.00 12.48
CA LEU C 183 -11.12 -33.21 11.70
C LEU C 183 -12.36 -32.50 12.20
N PRO C 184 -13.27 -32.15 11.30
CA PRO C 184 -14.47 -31.44 11.64
C PRO C 184 -15.62 -32.33 12.18
N GLU C 185 -16.76 -31.70 12.50
CA GLU C 185 -18.00 -32.38 12.80
C GLU C 185 -18.59 -33.14 11.61
N ARG C 186 -19.24 -34.27 11.91
CA ARG C 186 -19.93 -35.07 10.89
C ARG C 186 -19.04 -35.38 9.68
N THR C 187 -17.90 -36.02 9.97
CA THR C 187 -17.00 -36.48 8.93
C THR C 187 -17.70 -37.36 7.87
N ALA C 188 -18.89 -37.91 8.15
CA ALA C 188 -19.70 -38.72 7.16
C ALA C 188 -20.10 -37.84 5.96
N GLU C 189 -20.15 -36.52 6.18
CA GLU C 189 -20.49 -35.57 5.09
C GLU C 189 -19.20 -35.02 4.39
N TYR C 190 -19.08 -35.36 3.12
CA TYR C 190 -17.89 -34.95 2.37
C TYR C 190 -18.11 -34.93 0.87
N TYR C 191 -17.20 -34.20 0.20
CA TYR C 191 -17.15 -34.14 -1.21
C TYR C 191 -16.07 -35.05 -1.68
N ARG C 192 -16.21 -35.64 -2.87
CA ARG C 192 -15.20 -36.60 -3.36
C ARG C 192 -14.94 -36.39 -4.84
N TYR C 193 -13.66 -36.31 -5.28
CA TYR C 193 -13.46 -36.29 -6.71
C TYR C 193 -12.02 -36.73 -6.98
N ARG C 194 -11.76 -37.16 -8.20
CA ARG C 194 -10.40 -37.52 -8.66
C ARG C 194 -9.67 -36.28 -9.13
N GLY C 195 -8.54 -35.97 -8.48
CA GLY C 195 -7.77 -34.77 -8.93
C GLY C 195 -6.28 -34.93 -8.86
N SER C 196 -5.60 -33.84 -8.49
CA SER C 196 -4.14 -33.85 -8.55
C SER C 196 -3.57 -33.35 -7.24
N LEU C 197 -2.26 -33.48 -7.14
CA LEU C 197 -1.55 -32.68 -6.16
C LEU C 197 -1.79 -31.20 -6.54
N THR C 198 -1.91 -30.38 -5.49
CA THR C 198 -2.07 -28.91 -5.72
C THR C 198 -0.73 -28.20 -5.84
N THR C 199 0.37 -28.95 -5.76
CA THR C 199 1.72 -28.43 -5.83
C THR C 199 2.46 -29.20 -6.87
N PRO C 200 3.53 -28.67 -7.44
CA PRO C 200 4.39 -29.42 -8.38
C PRO C 200 4.78 -30.76 -7.66
N PRO C 201 4.85 -31.84 -8.42
CA PRO C 201 4.70 -31.93 -9.87
C PRO C 201 3.25 -32.04 -10.42
N CYS C 202 2.28 -31.83 -9.53
CA CYS C 202 0.84 -31.76 -9.90
C CYS C 202 0.33 -33.03 -10.46
N ASN C 203 0.89 -34.19 -10.06
CA ASN C 203 0.44 -35.40 -10.69
C ASN C 203 -1.05 -35.64 -10.46
N PRO C 204 -1.72 -36.18 -11.47
CA PRO C 204 -3.23 -36.42 -11.32
C PRO C 204 -3.48 -37.76 -10.70
N THR C 205 -2.97 -37.91 -9.51
CA THR C 205 -2.93 -39.20 -8.82
C THR C 205 -3.57 -39.11 -7.45
N VAL C 206 -4.37 -38.05 -7.17
CA VAL C 206 -4.96 -37.84 -5.90
C VAL C 206 -6.52 -38.08 -5.83
N LEU C 207 -6.92 -38.98 -4.97
CA LEU C 207 -8.36 -39.12 -4.57
C LEU C 207 -8.61 -38.13 -3.47
N TRP C 208 -9.41 -37.07 -3.80
CA TRP C 208 -9.75 -36.00 -2.80
C TRP C 208 -10.95 -36.24 -2.01
N THR C 209 -10.85 -36.01 -0.72
CA THR C 209 -12.00 -35.97 0.21
C THR C 209 -11.96 -34.67 0.90
N VAL C 210 -12.90 -33.80 0.60
CA VAL C 210 -13.00 -32.51 1.27
C VAL C 210 -14.20 -32.54 2.20
N PHE C 211 -13.99 -32.38 3.51
CA PHE C 211 -15.16 -32.51 4.38
C PHE C 211 -16.09 -31.33 4.18
N ARG C 212 -17.39 -31.57 4.34
CA ARG C 212 -18.42 -30.59 4.05
C ARG C 212 -18.31 -29.44 5.09
N ASN C 213 -18.09 -29.80 6.35
CA ASN C 213 -18.14 -28.84 7.47
C ASN C 213 -16.73 -28.33 7.85
N PRO C 214 -16.61 -27.00 8.04
CA PRO C 214 -15.39 -26.36 8.36
C PRO C 214 -15.03 -26.54 9.87
N VAL C 215 -13.76 -26.45 10.18
CA VAL C 215 -13.39 -26.26 11.60
C VAL C 215 -13.17 -24.77 11.88
N GLN C 216 -13.11 -24.45 13.17
CA GLN C 216 -12.68 -23.12 13.61
C GLN C 216 -11.32 -22.97 14.34
N ILE C 217 -10.67 -21.85 14.12
CA ILE C 217 -9.44 -21.41 14.79
C ILE C 217 -9.71 -19.92 15.08
N SER C 218 -9.56 -19.47 16.33
CA SER C 218 -9.85 -18.06 16.61
C SER C 218 -9.04 -17.11 15.70
N GLN C 219 -9.42 -15.82 15.63
CA GLN C 219 -8.61 -14.83 14.84
C GLN C 219 -7.18 -14.79 15.32
N GLU C 220 -7.01 -14.98 16.60
CA GLU C 220 -5.69 -15.01 17.17
C GLU C 220 -4.81 -16.15 16.58
N GLN C 221 -5.36 -17.36 16.48
CA GLN C 221 -4.62 -18.49 15.87
C GLN C 221 -4.26 -18.35 14.38
N LEU C 222 -5.26 -17.84 13.66
CA LEU C 222 -5.06 -17.56 12.24
C LEU C 222 -4.01 -16.53 11.92
N LEU C 223 -4.10 -15.41 12.70
CA LEU C 223 -3.02 -14.45 12.62
C LEU C 223 -1.64 -14.99 12.87
N ALA C 224 -1.51 -15.83 13.88
CA ALA C 224 -0.25 -16.51 14.22
C ALA C 224 0.28 -17.32 13.02
N LEU C 225 -0.60 -18.16 12.44
CA LEU C 225 -0.29 -18.96 11.27
C LEU C 225 0.17 -18.11 10.12
N GLU C 226 -0.55 -17.01 9.89
CA GLU C 226 -0.18 -16.16 8.75
C GLU C 226 1.09 -15.34 8.93
N THR C 227 1.53 -15.15 10.19
CA THR C 227 2.68 -14.26 10.48
C THR C 227 4.01 -14.89 10.99
N ALA C 228 4.00 -16.19 11.29
CA ALA C 228 5.15 -16.88 11.91
C ALA C 228 6.26 -17.20 10.97
N LEU C 229 5.94 -17.52 9.72
CA LEU C 229 7.00 -18.06 8.88
C LEU C 229 7.54 -17.29 7.77
N TYR C 230 8.84 -17.37 7.60
N TYR C 230 8.71 -17.73 7.33
CA TYR C 230 9.40 -16.94 6.40
CA TYR C 230 9.34 -17.18 6.18
C TYR C 230 9.33 -18.20 5.64
C TYR C 230 9.74 -18.27 5.17
N CYS C 231 9.55 -17.97 4.35
N CYS C 231 9.63 -17.94 3.90
CA CYS C 231 9.82 -18.96 3.34
CA CYS C 231 9.92 -18.93 2.89
C CYS C 231 11.31 -19.14 3.03
C CYS C 231 11.37 -18.85 2.47
N THR C 232 12.14 -18.11 3.24
CA THR C 232 13.54 -17.95 2.79
C THR C 232 14.58 -18.50 3.78
N HIS C 233 15.84 -18.67 3.37
CA HIS C 233 16.87 -19.27 4.27
C HIS C 233 17.27 -18.31 5.36
N MET C 234 17.75 -18.87 6.46
CA MET C 234 17.91 -18.19 7.77
C MET C 234 18.56 -16.82 7.88
N ASP C 235 19.55 -16.58 7.05
CA ASP C 235 20.20 -15.29 7.04
C ASP C 235 20.17 -14.63 5.66
N ASP C 236 19.27 -15.11 4.78
CA ASP C 236 18.94 -14.40 3.51
C ASP C 236 18.84 -12.89 3.86
N PRO C 237 19.68 -12.04 3.24
CA PRO C 237 19.54 -10.60 3.63
C PRO C 237 18.19 -9.98 3.14
N SER C 238 17.42 -10.74 2.34
CA SER C 238 16.12 -10.31 1.79
C SER C 238 14.99 -11.32 2.08
N PRO C 239 14.54 -11.36 3.35
CA PRO C 239 13.58 -12.33 3.83
C PRO C 239 12.17 -12.13 3.27
N ARG C 240 11.40 -13.22 3.24
CA ARG C 240 10.03 -13.16 2.69
C ARG C 240 9.07 -13.90 3.58
N GLU C 241 7.90 -13.30 3.85
CA GLU C 241 6.88 -13.90 4.61
C GLU C 241 6.35 -15.09 3.78
N MET C 242 6.12 -16.17 4.52
CA MET C 242 5.42 -17.34 3.95
C MET C 242 3.93 -17.01 4.07
N ILE C 243 3.35 -16.53 2.94
CA ILE C 243 1.90 -16.17 2.92
C ILE C 243 1.36 -16.57 1.53
N ASN C 244 0.05 -16.69 1.47
CA ASN C 244 -0.64 -16.93 0.15
C ASN C 244 -0.12 -18.18 -0.47
N ASN C 245 0.05 -19.18 0.39
CA ASN C 245 0.66 -20.42 -0.13
C ASN C 245 -0.40 -21.44 -0.52
N PHE C 246 -1.16 -21.03 -1.54
CA PHE C 246 -2.26 -21.88 -2.02
C PHE C 246 -2.30 -21.68 -3.51
N ARG C 247 -2.79 -22.69 -4.22
CA ARG C 247 -2.99 -22.59 -5.67
C ARG C 247 -4.36 -22.03 -6.01
N GLN C 248 -4.42 -21.22 -7.08
CA GLN C 248 -5.75 -20.73 -7.54
C GLN C 248 -6.61 -21.94 -8.05
N VAL C 249 -7.93 -21.79 -8.01
CA VAL C 249 -8.82 -22.87 -8.49
C VAL C 249 -8.66 -23.10 -10.00
N GLN C 250 -8.81 -24.37 -10.37
CA GLN C 250 -8.57 -24.76 -11.78
C GLN C 250 -9.89 -24.92 -12.49
N LYS C 251 -9.89 -24.77 -13.82
CA LYS C 251 -11.19 -25.12 -14.53
C LYS C 251 -11.55 -26.59 -14.33
N PHE C 252 -12.87 -26.86 -14.33
CA PHE C 252 -13.38 -28.21 -14.03
C PHE C 252 -14.63 -28.27 -14.82
N ASP C 253 -14.55 -28.67 -16.06
CA ASP C 253 -15.71 -28.55 -16.95
C ASP C 253 -16.24 -29.94 -17.33
N GLU C 254 -17.56 -30.09 -17.41
N GLU C 254 -17.56 -30.08 -17.42
CA GLU C 254 -18.17 -31.36 -17.81
CA GLU C 254 -18.15 -31.37 -17.81
C GLU C 254 -17.89 -32.52 -16.84
C GLU C 254 -17.60 -32.51 -16.92
N ARG C 255 -17.47 -32.19 -15.62
CA ARG C 255 -17.21 -33.18 -14.56
C ARG C 255 -18.09 -32.96 -13.34
N LEU C 256 -18.17 -34.03 -12.54
CA LEU C 256 -18.98 -34.01 -11.28
C LEU C 256 -18.05 -34.11 -10.00
N VAL C 257 -18.58 -33.55 -8.92
CA VAL C 257 -18.04 -33.78 -7.59
C VAL C 257 -19.12 -34.59 -6.91
N TYR C 258 -18.74 -35.76 -6.41
CA TYR C 258 -19.70 -36.67 -5.75
C TYR C 258 -19.79 -36.34 -4.25
N THR C 259 -20.98 -36.48 -3.68
CA THR C 259 -21.16 -36.05 -2.36
C THR C 259 -21.74 -37.21 -1.57
N SER C 260 -21.34 -37.32 -0.30
CA SER C 260 -21.88 -38.42 0.51
C SER C 260 -23.19 -37.96 1.08
N PHE C 261 -23.57 -36.69 0.88
CA PHE C 261 -24.83 -36.15 1.44
C PHE C 261 -25.75 -35.74 0.29
N SER C 262 -27.04 -35.67 0.58
CA SER C 262 -28.03 -35.13 -0.36
C SER C 262 -28.48 -33.69 -0.07
N LYS D 3 0.14 -22.70 -30.46
CA LYS D 3 -1.11 -22.02 -30.88
C LYS D 3 -2.00 -21.93 -29.62
N TRP D 4 -1.92 -20.83 -28.84
CA TRP D 4 -2.49 -20.87 -27.54
C TRP D 4 -3.98 -21.01 -27.58
N THR D 5 -4.49 -21.66 -26.56
CA THR D 5 -5.94 -21.91 -26.37
C THR D 5 -6.36 -21.71 -24.93
N TYR D 6 -7.66 -21.94 -24.65
CA TYR D 6 -8.18 -21.99 -23.32
C TYR D 6 -8.45 -23.35 -22.74
N PHE D 7 -8.10 -24.40 -23.46
CA PHE D 7 -8.47 -25.75 -23.05
C PHE D 7 -7.43 -26.73 -23.58
N GLY D 8 -6.87 -27.58 -22.71
CA GLY D 8 -6.02 -28.67 -23.26
C GLY D 8 -4.57 -28.33 -22.99
N PRO D 9 -3.65 -28.97 -23.71
CA PRO D 9 -2.20 -28.81 -23.51
C PRO D 9 -1.65 -27.43 -23.74
N ASP D 10 -2.38 -26.57 -24.48
CA ASP D 10 -1.90 -25.22 -24.82
C ASP D 10 -2.75 -24.23 -24.09
N GLY D 11 -3.46 -24.72 -23.09
CA GLY D 11 -4.36 -23.89 -22.20
C GLY D 11 -3.56 -23.02 -21.21
N GLU D 12 -4.24 -22.30 -20.35
CA GLU D 12 -3.69 -21.19 -19.64
C GLU D 12 -2.56 -21.51 -18.68
N ASN D 13 -2.54 -22.74 -18.11
CA ASN D 13 -1.43 -23.11 -17.25
C ASN D 13 -0.11 -23.32 -18.03
N SER D 14 -0.24 -23.37 -19.33
CA SER D 14 0.93 -23.58 -20.22
C SER D 14 1.34 -22.30 -20.97
N TRP D 15 0.58 -21.21 -20.91
CA TRP D 15 0.93 -20.04 -21.68
C TRP D 15 2.32 -19.49 -21.36
N SER D 16 2.75 -19.60 -20.11
N SER D 16 2.75 -19.63 -20.11
CA SER D 16 4.04 -19.01 -19.70
CA SER D 16 4.04 -19.04 -19.66
C SER D 16 5.17 -19.69 -20.43
C SER D 16 5.22 -19.79 -20.24
N LYS D 17 4.93 -20.95 -20.85
CA LYS D 17 5.97 -21.68 -21.63
C LYS D 17 6.49 -20.89 -22.85
N LYS D 18 5.61 -20.17 -23.53
CA LYS D 18 5.96 -19.34 -24.67
C LYS D 18 5.87 -17.85 -24.44
N TYR D 19 5.19 -17.47 -23.37
CA TYR D 19 4.86 -16.03 -23.15
C TYR D 19 5.20 -15.75 -21.71
N PRO D 20 6.47 -15.41 -21.42
CA PRO D 20 6.97 -15.29 -20.05
C PRO D 20 6.13 -14.34 -19.18
N SER D 21 5.60 -13.25 -19.75
CA SER D 21 4.80 -12.34 -18.92
C SER D 21 3.53 -12.98 -18.35
N CYS D 22 3.06 -14.10 -18.95
CA CYS D 22 1.92 -14.82 -18.39
C CYS D 22 2.23 -15.50 -17.07
N GLY D 23 3.54 -15.57 -16.72
CA GLY D 23 4.01 -16.09 -15.45
C GLY D 23 4.61 -15.04 -14.56
N GLY D 24 4.42 -13.80 -14.98
CA GLY D 24 4.95 -12.63 -14.27
C GLY D 24 4.02 -11.98 -13.29
N LEU D 25 4.38 -10.81 -12.80
CA LEU D 25 3.54 -10.24 -11.82
C LEU D 25 2.42 -9.40 -12.54
N LEU D 26 1.52 -8.92 -11.69
CA LEU D 26 0.45 -7.94 -12.04
C LEU D 26 -0.52 -8.53 -13.08
N GLN D 27 -0.82 -9.84 -12.94
CA GLN D 27 -1.75 -10.43 -13.93
C GLN D 27 -3.23 -10.20 -13.67
N SER D 28 -3.94 -10.25 -14.80
CA SER D 28 -5.44 -10.17 -14.83
C SER D 28 -6.06 -11.44 -15.39
N PRO D 29 -7.33 -11.71 -15.10
CA PRO D 29 -8.29 -10.95 -14.23
C PRO D 29 -8.10 -11.28 -12.77
N ILE D 30 -8.93 -10.62 -11.93
CA ILE D 30 -8.88 -10.88 -10.50
C ILE D 30 -10.31 -10.91 -9.94
N ASP D 31 -10.41 -11.40 -8.69
CA ASP D 31 -11.69 -11.46 -7.97
C ASP D 31 -11.82 -10.17 -7.19
N LEU D 32 -12.89 -9.44 -7.41
CA LEU D 32 -13.14 -8.15 -6.75
C LEU D 32 -13.90 -8.45 -5.46
N HIS D 33 -13.26 -8.33 -4.29
CA HIS D 33 -13.96 -8.65 -3.07
C HIS D 33 -13.50 -7.71 -1.96
N SER D 34 -14.34 -7.58 -0.91
CA SER D 34 -14.21 -6.42 0.05
C SER D 34 -12.82 -6.24 0.63
N ASP D 35 -12.12 -7.32 1.01
CA ASP D 35 -10.93 -7.12 1.78
C ASP D 35 -9.89 -6.38 0.98
N ILE D 36 -9.99 -6.39 -0.36
CA ILE D 36 -8.93 -5.77 -1.18
C ILE D 36 -9.33 -4.47 -1.87
N LEU D 37 -10.54 -4.00 -1.53
CA LEU D 37 -11.09 -2.73 -2.16
C LEU D 37 -10.72 -1.54 -1.29
N GLN D 38 -10.34 -0.41 -1.93
CA GLN D 38 -10.16 0.80 -1.11
C GLN D 38 -10.68 2.02 -1.88
N TYR D 39 -11.53 2.82 -1.25
CA TYR D 39 -12.07 3.99 -1.90
C TYR D 39 -10.95 4.99 -2.19
N ASP D 40 -11.02 5.61 -3.37
CA ASP D 40 -9.99 6.57 -3.78
C ASP D 40 -10.76 7.73 -4.37
N ALA D 41 -10.71 8.91 -3.67
CA ALA D 41 -11.37 10.11 -4.18
C ALA D 41 -10.73 10.71 -5.45
N SER D 42 -9.58 10.21 -5.88
CA SER D 42 -8.91 10.66 -7.09
C SER D 42 -9.51 10.04 -8.34
N LEU D 43 -10.38 9.01 -8.17
CA LEU D 43 -11.01 8.32 -9.29
C LEU D 43 -12.28 9.08 -9.70
N THR D 44 -12.06 10.04 -10.61
CA THR D 44 -13.17 10.90 -11.03
C THR D 44 -13.86 10.28 -12.30
N PRO D 45 -14.93 10.89 -12.81
CA PRO D 45 -15.60 10.10 -13.84
C PRO D 45 -14.93 10.11 -15.21
N LEU D 46 -14.89 8.98 -15.89
CA LEU D 46 -14.38 8.94 -17.30
C LEU D 46 -15.33 9.73 -18.20
N GLU D 47 -14.76 10.32 -19.23
CA GLU D 47 -15.58 10.84 -20.30
C GLU D 47 -15.33 9.97 -21.55
N PHE D 48 -16.42 9.67 -22.19
CA PHE D 48 -16.42 8.83 -23.40
C PHE D 48 -16.61 9.71 -24.63
N GLN D 49 -15.57 9.92 -25.41
CA GLN D 49 -15.63 10.84 -26.56
C GLN D 49 -15.67 10.06 -27.85
N GLY D 50 -16.54 10.46 -28.81
CA GLY D 50 -16.54 9.82 -30.07
C GLY D 50 -17.05 8.40 -30.08
N TYR D 51 -17.78 8.07 -28.98
CA TYR D 51 -18.41 6.72 -28.88
C TYR D 51 -19.65 6.57 -29.75
N ASN D 52 -20.24 7.72 -30.17
CA ASN D 52 -21.43 7.60 -30.96
C ASN D 52 -21.09 7.44 -32.44
N LEU D 53 -20.90 6.20 -32.85
CA LEU D 53 -20.43 5.94 -34.23
C LEU D 53 -21.62 6.10 -35.21
N SER D 54 -21.35 6.72 -36.33
CA SER D 54 -22.41 6.94 -37.31
C SER D 54 -22.96 5.63 -37.95
N ALA D 55 -24.26 5.60 -38.07
CA ALA D 55 -24.93 4.42 -38.57
C ALA D 55 -24.70 4.33 -40.06
N ASN D 56 -24.19 5.39 -40.68
CA ASN D 56 -23.76 5.33 -42.06
C ASN D 56 -22.34 4.90 -42.29
N LYS D 57 -21.58 4.65 -41.23
CA LYS D 57 -20.27 4.10 -41.37
C LYS D 57 -20.35 2.63 -40.87
N GLN D 58 -19.33 1.88 -41.20
CA GLN D 58 -19.34 0.45 -40.83
C GLN D 58 -17.97 0.02 -40.28
N PHE D 59 -18.02 -0.98 -39.39
CA PHE D 59 -16.86 -1.39 -38.58
C PHE D 59 -16.69 -2.86 -38.72
N LEU D 60 -15.42 -3.26 -38.83
CA LEU D 60 -15.08 -4.62 -39.09
C LEU D 60 -15.22 -5.51 -37.84
N LEU D 61 -16.03 -6.54 -38.00
CA LEU D 61 -16.14 -7.64 -37.01
C LEU D 61 -15.37 -8.86 -37.50
N THR D 62 -14.50 -9.43 -36.61
CA THR D 62 -13.65 -10.54 -37.09
C THR D 62 -13.67 -11.66 -36.02
N ASN D 63 -13.68 -12.91 -36.47
CA ASN D 63 -13.39 -14.05 -35.56
C ASN D 63 -11.90 -14.28 -35.69
N ASN D 64 -11.17 -14.05 -34.61
CA ASN D 64 -9.69 -14.17 -34.63
C ASN D 64 -9.19 -15.52 -34.08
N GLY D 65 -10.16 -16.45 -33.86
CA GLY D 65 -9.83 -17.79 -33.36
C GLY D 65 -9.80 -17.81 -31.83
N HIS D 66 -9.91 -16.67 -31.14
CA HIS D 66 -9.98 -16.62 -29.67
C HIS D 66 -11.23 -15.98 -29.16
N SER D 67 -11.78 -15.01 -29.91
CA SER D 67 -13.02 -14.32 -29.56
C SER D 67 -13.57 -13.78 -30.85
N VAL D 68 -14.59 -12.97 -30.71
CA VAL D 68 -15.11 -12.09 -31.75
C VAL D 68 -14.78 -10.65 -31.41
N LYS D 69 -14.18 -9.94 -32.36
CA LYS D 69 -13.74 -8.52 -32.10
C LYS D 69 -14.27 -7.56 -33.12
N LEU D 70 -14.62 -6.37 -32.66
CA LEU D 70 -15.06 -5.30 -33.49
C LEU D 70 -13.95 -4.24 -33.43
N ASN D 71 -13.52 -3.87 -34.65
CA ASN D 71 -12.50 -2.80 -34.78
C ASN D 71 -13.11 -1.46 -34.51
N LEU D 72 -12.43 -0.61 -33.75
CA LEU D 72 -12.98 0.71 -33.40
C LEU D 72 -12.02 1.80 -33.93
N PRO D 73 -12.58 3.00 -34.19
CA PRO D 73 -11.79 4.11 -34.80
C PRO D 73 -10.96 4.87 -33.75
N SER D 74 -9.76 5.34 -34.10
CA SER D 74 -8.94 5.95 -33.07
C SER D 74 -9.44 7.32 -32.63
N ASP D 75 -10.39 7.87 -33.37
CA ASP D 75 -11.01 9.10 -32.87
C ASP D 75 -11.93 8.89 -31.65
N MET D 76 -12.30 7.63 -31.38
CA MET D 76 -13.04 7.30 -30.17
C MET D 76 -12.01 7.31 -29.02
N HIS D 77 -12.28 8.03 -27.94
CA HIS D 77 -11.34 7.99 -26.81
C HIS D 77 -11.86 8.14 -25.49
N ILE D 78 -11.05 7.84 -24.48
CA ILE D 78 -11.42 8.20 -23.14
C ILE D 78 -10.55 9.33 -22.54
N GLN D 79 -11.22 10.20 -21.82
CA GLN D 79 -10.60 11.25 -21.00
C GLN D 79 -10.82 10.98 -19.55
N GLY D 80 -9.83 11.38 -18.73
CA GLY D 80 -9.95 11.25 -17.31
C GLY D 80 -8.77 10.51 -16.73
N LEU D 81 -7.98 9.85 -17.57
CA LEU D 81 -6.88 9.12 -17.03
C LEU D 81 -5.62 10.00 -17.11
N GLN D 82 -4.44 9.44 -16.86
CA GLN D 82 -3.20 10.28 -16.95
C GLN D 82 -2.80 10.71 -18.32
N SER D 83 -3.34 10.08 -19.35
CA SER D 83 -3.03 10.37 -20.75
C SER D 83 -4.33 10.13 -21.51
N ARG D 84 -4.38 10.59 -22.77
CA ARG D 84 -5.55 10.27 -23.63
C ARG D 84 -5.37 8.82 -24.08
N TYR D 85 -6.42 8.00 -23.96
CA TYR D 85 -6.39 6.67 -24.55
C TYR D 85 -7.40 6.60 -25.66
N SER D 86 -6.96 6.02 -26.76
CA SER D 86 -7.79 5.94 -27.98
C SER D 86 -8.26 4.49 -28.19
N ALA D 87 -9.51 4.35 -28.62
CA ALA D 87 -10.03 2.97 -28.78
C ALA D 87 -9.36 2.27 -29.92
N THR D 88 -9.32 0.93 -29.81
CA THR D 88 -8.79 0.07 -30.86
C THR D 88 -9.73 -1.07 -31.24
N GLN D 89 -10.36 -1.67 -30.23
N GLN D 89 -10.37 -1.69 -30.26
CA GLN D 89 -11.28 -2.81 -30.52
CA GLN D 89 -11.30 -2.81 -30.54
C GLN D 89 -12.12 -3.08 -29.28
C GLN D 89 -12.14 -3.10 -29.32
N LEU D 90 -13.27 -3.77 -29.50
CA LEU D 90 -13.93 -4.39 -28.39
C LEU D 90 -14.08 -5.90 -28.69
N HIS D 91 -14.26 -6.70 -27.62
CA HIS D 91 -14.44 -8.15 -27.81
C HIS D 91 -15.05 -8.70 -26.57
N LEU D 92 -15.40 -9.99 -26.56
CA LEU D 92 -16.10 -10.58 -25.40
C LEU D 92 -15.43 -11.86 -24.94
N HIS D 93 -15.82 -12.26 -23.76
CA HIS D 93 -15.37 -13.56 -23.12
C HIS D 93 -16.62 -14.17 -22.56
N TRP D 94 -16.76 -15.51 -22.72
CA TRP D 94 -18.04 -16.23 -22.29
C TRP D 94 -17.73 -17.66 -21.89
N GLY D 95 -18.80 -18.30 -21.40
CA GLY D 95 -18.65 -19.74 -20.93
C GLY D 95 -19.22 -20.68 -21.99
N ASN D 96 -20.28 -21.43 -21.58
CA ASN D 96 -20.81 -22.40 -22.59
C ASN D 96 -22.23 -22.69 -22.17
N PRO D 97 -23.03 -23.38 -23.02
CA PRO D 97 -24.46 -23.58 -22.65
C PRO D 97 -24.63 -24.36 -21.36
N ASN D 98 -23.68 -25.23 -20.99
CA ASN D 98 -23.77 -25.96 -19.73
C ASN D 98 -23.24 -25.22 -18.50
N ASP D 99 -22.58 -24.08 -18.73
CA ASP D 99 -22.03 -23.32 -17.63
C ASP D 99 -21.92 -21.88 -18.12
N PRO D 100 -22.99 -21.13 -18.11
CA PRO D 100 -23.05 -19.75 -18.76
C PRO D 100 -22.51 -18.76 -17.72
N HIS D 101 -21.28 -19.00 -17.33
CA HIS D 101 -20.58 -18.20 -16.24
C HIS D 101 -19.16 -17.92 -16.61
N GLY D 102 -19.01 -17.16 -17.68
CA GLY D 102 -17.70 -17.02 -18.33
C GLY D 102 -17.11 -15.64 -18.26
N SER D 103 -17.56 -14.77 -17.35
CA SER D 103 -16.81 -13.50 -17.18
C SER D 103 -15.33 -13.78 -16.74
N GLU D 104 -14.46 -12.82 -16.98
CA GLU D 104 -13.07 -12.97 -16.57
C GLU D 104 -12.99 -12.51 -15.13
N HIS D 105 -13.36 -11.23 -14.87
CA HIS D 105 -13.39 -10.77 -13.48
C HIS D 105 -14.54 -11.41 -12.75
N THR D 106 -14.38 -11.61 -11.47
CA THR D 106 -15.47 -12.11 -10.64
C THR D 106 -15.71 -11.11 -9.51
N VAL D 107 -16.91 -11.18 -8.90
CA VAL D 107 -17.21 -10.28 -7.80
C VAL D 107 -17.67 -11.14 -6.65
N SER D 108 -16.98 -10.95 -5.52
CA SER D 108 -17.21 -11.77 -4.30
C SER D 108 -17.27 -13.27 -4.68
N GLY D 109 -16.35 -13.67 -5.56
CA GLY D 109 -16.14 -15.05 -6.01
C GLY D 109 -17.14 -15.58 -7.05
N GLN D 110 -17.98 -14.72 -7.58
N GLN D 110 -17.95 -14.71 -7.61
CA GLN D 110 -19.03 -15.18 -8.49
CA GLN D 110 -18.96 -15.19 -8.52
C GLN D 110 -18.71 -14.66 -9.88
C GLN D 110 -18.69 -14.66 -9.89
N HIS D 111 -18.76 -15.56 -10.87
CA HIS D 111 -18.72 -15.16 -12.28
C HIS D 111 -20.04 -14.57 -12.69
N PHE D 112 -19.97 -13.61 -13.58
CA PHE D 112 -21.12 -13.20 -14.35
C PHE D 112 -21.13 -14.06 -15.64
N ALA D 113 -22.22 -13.89 -16.45
CA ALA D 113 -22.36 -14.73 -17.62
C ALA D 113 -21.27 -14.52 -18.61
N ALA D 114 -20.93 -13.24 -18.83
CA ALA D 114 -19.95 -12.94 -19.92
C ALA D 114 -19.35 -11.56 -19.58
N GLU D 115 -18.41 -11.11 -20.40
CA GLU D 115 -17.71 -9.83 -20.12
C GLU D 115 -17.33 -9.20 -21.42
N LEU D 116 -17.61 -7.92 -21.55
CA LEU D 116 -17.19 -7.09 -22.69
C LEU D 116 -15.96 -6.27 -22.30
N HIS D 117 -14.96 -6.33 -23.16
CA HIS D 117 -13.75 -5.44 -23.04
C HIS D 117 -13.67 -4.48 -24.17
N ILE D 118 -13.56 -3.19 -23.82
CA ILE D 118 -13.31 -2.13 -24.83
C ILE D 118 -11.86 -1.71 -24.62
N VAL D 119 -10.99 -2.06 -25.59
CA VAL D 119 -9.58 -1.84 -25.44
C VAL D 119 -9.20 -0.49 -26.07
N HIS D 120 -8.35 0.25 -25.33
CA HIS D 120 -7.80 1.56 -25.75
C HIS D 120 -6.31 1.53 -25.54
N TYR D 121 -5.59 2.34 -26.33
CA TYR D 121 -4.12 2.42 -26.22
C TYR D 121 -3.73 3.87 -25.96
N ASN D 122 -2.56 4.03 -25.32
CA ASN D 122 -2.04 5.38 -24.97
C ASN D 122 -1.55 6.07 -26.20
N SER D 123 -2.41 6.88 -26.78
CA SER D 123 -2.06 7.59 -28.02
C SER D 123 -1.23 8.89 -27.82
N ASP D 124 -1.03 9.25 -26.59
CA ASP D 124 -0.10 10.36 -26.27
C ASP D 124 1.32 9.82 -26.41
N LEU D 125 1.51 8.51 -26.19
CA LEU D 125 2.88 7.89 -26.13
C LEU D 125 3.14 7.04 -27.36
N TYR D 126 2.10 6.44 -27.96
CA TYR D 126 2.31 5.36 -28.94
C TYR D 126 1.44 5.54 -30.16
N PRO D 127 1.91 5.12 -31.35
CA PRO D 127 1.13 5.28 -32.63
C PRO D 127 -0.04 4.32 -32.84
N ASP D 128 -0.06 3.16 -32.17
CA ASP D 128 -1.09 2.19 -32.33
C ASP D 128 -1.02 1.19 -31.19
N ALA D 129 -2.06 0.36 -31.06
CA ALA D 129 -2.21 -0.55 -29.98
C ALA D 129 -1.15 -1.63 -29.97
N SER D 130 -0.75 -2.13 -31.15
N SER D 130 -0.76 -2.10 -31.16
CA SER D 130 0.32 -3.15 -31.20
CA SER D 130 0.27 -3.13 -31.22
C SER D 130 1.63 -2.61 -30.62
C SER D 130 1.63 -2.62 -30.67
N THR D 131 2.00 -1.38 -30.98
CA THR D 131 3.22 -0.83 -30.45
C THR D 131 3.04 -0.59 -28.92
N ALA D 132 1.87 -0.10 -28.54
CA ALA D 132 1.62 0.14 -27.15
C ALA D 132 1.60 -1.08 -26.18
N SER D 133 1.16 -2.25 -26.71
CA SER D 133 0.68 -3.32 -25.87
C SER D 133 1.77 -3.88 -24.96
N ASN D 134 3.08 -3.74 -25.33
CA ASN D 134 4.10 -4.27 -24.46
C ASN D 134 4.95 -3.19 -23.83
N LYS D 135 4.36 -1.99 -23.77
CA LYS D 135 5.07 -0.83 -23.26
C LYS D 135 4.40 -0.18 -22.11
N SER D 136 5.21 0.63 -21.40
N SER D 136 5.23 0.49 -21.28
CA SER D 136 4.78 1.30 -20.19
CA SER D 136 4.77 1.28 -20.15
C SER D 136 3.54 2.14 -20.39
C SER D 136 3.51 2.04 -20.44
N GLU D 137 2.56 1.93 -19.51
CA GLU D 137 1.29 2.68 -19.62
C GLU D 137 0.54 2.48 -20.93
N GLY D 138 0.78 1.36 -21.65
CA GLY D 138 0.30 1.28 -22.96
C GLY D 138 -1.21 1.20 -23.19
N LEU D 139 -1.93 0.51 -22.29
CA LEU D 139 -3.33 0.14 -22.60
C LEU D 139 -4.22 0.50 -21.43
N ALA D 140 -5.51 0.78 -21.73
CA ALA D 140 -6.57 0.93 -20.74
C ALA D 140 -7.73 0.15 -21.32
N VAL D 141 -8.28 -0.74 -20.48
CA VAL D 141 -9.45 -1.47 -20.91
C VAL D 141 -10.59 -1.16 -20.05
N LEU D 142 -11.76 -0.99 -20.68
CA LEU D 142 -13.00 -0.91 -19.94
C LEU D 142 -13.66 -2.29 -19.91
N ALA D 143 -14.08 -2.73 -18.74
CA ALA D 143 -14.76 -4.04 -18.64
C ALA D 143 -16.18 -3.87 -18.20
N VAL D 144 -17.08 -4.46 -18.98
CA VAL D 144 -18.52 -4.45 -18.56
C VAL D 144 -18.90 -5.91 -18.23
N LEU D 145 -19.32 -6.12 -17.01
CA LEU D 145 -19.84 -7.45 -16.60
C LEU D 145 -21.25 -7.65 -17.16
N ILE D 146 -21.49 -8.84 -17.68
CA ILE D 146 -22.73 -9.14 -18.38
C ILE D 146 -23.50 -10.26 -17.69
N GLU D 147 -24.73 -9.93 -17.28
N GLU D 147 -24.70 -9.94 -17.20
CA GLU D 147 -25.61 -10.88 -16.58
CA GLU D 147 -25.58 -10.92 -16.50
C GLU D 147 -26.67 -11.44 -17.51
C GLU D 147 -26.69 -11.41 -17.41
N MET D 148 -27.09 -12.68 -17.26
CA MET D 148 -28.26 -13.22 -17.99
C MET D 148 -29.50 -12.49 -17.48
N GLY D 149 -30.25 -11.89 -18.42
CA GLY D 149 -31.45 -11.07 -18.03
C GLY D 149 -32.35 -10.77 -19.21
N SER D 150 -32.66 -9.49 -19.35
CA SER D 150 -33.52 -9.06 -20.47
C SER D 150 -32.72 -8.96 -21.81
N PHE D 151 -33.45 -9.18 -22.92
CA PHE D 151 -32.87 -8.94 -24.26
C PHE D 151 -32.34 -7.53 -24.35
N ASN D 152 -31.18 -7.42 -25.01
CA ASN D 152 -30.45 -6.16 -25.07
C ASN D 152 -30.29 -5.81 -26.55
N PRO D 153 -31.13 -4.82 -27.01
CA PRO D 153 -31.10 -4.48 -28.43
C PRO D 153 -29.75 -3.90 -28.87
N SER D 154 -29.03 -3.28 -27.95
CA SER D 154 -27.75 -2.68 -28.36
C SER D 154 -26.66 -3.73 -28.51
N TYR D 155 -26.57 -4.70 -27.59
CA TYR D 155 -25.66 -5.83 -27.81
C TYR D 155 -26.05 -6.64 -29.02
N ASP D 156 -27.34 -6.64 -29.34
CA ASP D 156 -27.71 -7.42 -30.50
C ASP D 156 -27.21 -6.82 -31.84
N LYS D 157 -26.81 -5.54 -31.81
CA LYS D 157 -26.25 -4.93 -33.02
C LYS D 157 -24.93 -5.64 -33.33
N ILE D 158 -24.27 -6.27 -32.34
CA ILE D 158 -23.11 -7.07 -32.62
C ILE D 158 -23.57 -8.50 -32.89
N PHE D 159 -24.45 -9.02 -32.01
CA PHE D 159 -24.69 -10.46 -32.02
C PHE D 159 -25.44 -10.91 -33.28
N SER D 160 -26.17 -10.01 -33.91
CA SER D 160 -26.89 -10.39 -35.13
C SER D 160 -25.97 -10.74 -36.29
N HIS D 161 -24.68 -10.43 -36.16
CA HIS D 161 -23.72 -10.74 -37.16
C HIS D 161 -22.92 -11.97 -36.91
N LEU D 162 -23.19 -12.62 -35.78
CA LEU D 162 -22.33 -13.82 -35.40
C LEU D 162 -22.37 -14.91 -36.46
N GLN D 163 -23.53 -15.09 -37.10
CA GLN D 163 -23.60 -16.16 -38.12
C GLN D 163 -22.76 -15.97 -39.39
N HIS D 164 -22.20 -14.76 -39.57
CA HIS D 164 -21.29 -14.45 -40.63
C HIS D 164 -19.83 -14.51 -40.30
N VAL D 165 -19.53 -14.81 -39.02
CA VAL D 165 -18.13 -14.90 -38.58
C VAL D 165 -17.90 -16.18 -37.83
N LYS D 166 -18.50 -17.27 -38.28
N LYS D 166 -18.50 -17.24 -38.35
CA LYS D 166 -18.43 -18.47 -37.47
CA LYS D 166 -18.55 -18.52 -37.67
C LYS D 166 -17.02 -19.04 -37.37
C LYS D 166 -17.18 -19.16 -37.47
N TYR D 167 -16.27 -18.98 -38.46
CA TYR D 167 -14.94 -19.57 -38.47
C TYR D 167 -13.74 -18.58 -38.43
N LYS D 168 -12.61 -19.04 -37.88
CA LYS D 168 -11.42 -18.19 -37.74
C LYS D 168 -11.12 -17.49 -39.01
N GLY D 169 -10.90 -16.18 -38.95
CA GLY D 169 -10.51 -15.43 -40.15
C GLY D 169 -11.71 -14.81 -40.85
N GLN D 170 -12.94 -15.23 -40.56
CA GLN D 170 -14.03 -14.64 -41.30
C GLN D 170 -14.37 -13.25 -40.68
N GLU D 171 -14.96 -12.36 -41.49
CA GLU D 171 -15.09 -10.92 -41.20
C GLU D 171 -16.50 -10.52 -41.71
N ALA D 172 -17.10 -9.56 -41.03
CA ALA D 172 -18.39 -9.02 -41.41
C ALA D 172 -18.35 -7.53 -41.08
N PHE D 173 -19.16 -6.73 -41.73
CA PHE D 173 -19.23 -5.31 -41.34
C PHE D 173 -20.47 -5.04 -40.49
N VAL D 174 -20.30 -4.26 -39.45
CA VAL D 174 -21.36 -3.88 -38.54
C VAL D 174 -21.55 -2.34 -38.74
N PRO D 175 -22.78 -1.91 -39.03
CA PRO D 175 -22.96 -0.44 -39.11
C PRO D 175 -22.67 0.22 -37.79
N GLY D 176 -22.17 1.46 -37.80
CA GLY D 176 -21.94 2.10 -36.50
C GLY D 176 -23.20 2.31 -35.63
N PHE D 177 -22.96 2.30 -34.35
CA PHE D 177 -23.97 2.62 -33.35
C PHE D 177 -23.33 3.29 -32.13
N ASN D 178 -24.12 3.71 -31.15
CA ASN D 178 -23.51 4.43 -30.06
C ASN D 178 -22.99 3.37 -29.09
N ILE D 179 -21.67 3.21 -29.06
CA ILE D 179 -21.01 2.26 -28.13
C ILE D 179 -21.30 2.49 -26.67
N GLU D 180 -21.72 3.72 -26.29
N GLU D 180 -21.66 3.73 -26.27
CA GLU D 180 -22.07 4.00 -24.92
CA GLU D 180 -22.00 3.99 -24.87
C GLU D 180 -23.28 3.19 -24.51
C GLU D 180 -23.30 3.24 -24.50
N GLU D 181 -24.08 2.79 -25.49
CA GLU D 181 -25.23 1.90 -25.23
C GLU D 181 -24.86 0.54 -24.62
N LEU D 182 -23.60 0.17 -24.82
CA LEU D 182 -23.05 -1.06 -24.23
C LEU D 182 -22.64 -0.91 -22.77
N LEU D 183 -22.55 0.31 -22.25
CA LEU D 183 -22.11 0.52 -20.89
C LEU D 183 -23.26 0.48 -19.96
N PRO D 184 -22.97 0.15 -18.69
CA PRO D 184 -24.04 0.05 -17.65
C PRO D 184 -24.40 1.41 -17.10
N GLU D 185 -25.39 1.31 -16.19
CA GLU D 185 -25.83 2.46 -15.41
C GLU D 185 -24.71 2.94 -14.51
N ARG D 186 -24.70 4.25 -14.26
CA ARG D 186 -23.83 4.84 -13.28
C ARG D 186 -22.37 4.52 -13.51
N THR D 187 -21.93 4.83 -14.71
CA THR D 187 -20.51 4.56 -15.05
C THR D 187 -19.48 5.29 -14.17
N ALA D 188 -19.90 6.30 -13.41
CA ALA D 188 -18.95 6.95 -12.51
C ALA D 188 -18.51 6.02 -11.33
N GLU D 189 -19.30 4.95 -11.10
CA GLU D 189 -19.00 3.92 -10.06
C GLU D 189 -18.24 2.73 -10.75
N TYR D 190 -17.00 2.58 -10.32
CA TYR D 190 -16.12 1.58 -10.94
C TYR D 190 -14.99 1.19 -10.06
N TYR D 191 -14.43 0.03 -10.41
CA TYR D 191 -13.23 -0.53 -9.77
C TYR D 191 -12.06 -0.21 -10.71
N ARG D 192 -10.91 0.15 -10.17
CA ARG D 192 -9.75 0.44 -11.02
C ARG D 192 -8.53 -0.27 -10.38
N TYR D 193 -7.74 -0.93 -11.22
CA TYR D 193 -6.47 -1.48 -10.73
C TYR D 193 -5.46 -1.67 -11.89
N ARG D 194 -4.21 -1.93 -11.52
CA ARG D 194 -3.14 -2.10 -12.53
C ARG D 194 -2.98 -3.61 -12.78
N GLY D 195 -3.12 -3.96 -14.04
CA GLY D 195 -3.03 -5.39 -14.43
C GLY D 195 -2.38 -5.60 -15.72
N SER D 196 -2.87 -6.65 -16.38
CA SER D 196 -2.27 -7.17 -17.56
C SER D 196 -3.31 -7.47 -18.61
N LEU D 197 -2.85 -7.78 -19.79
CA LEU D 197 -3.70 -8.43 -20.80
C LEU D 197 -4.12 -9.82 -20.27
N THR D 198 -5.41 -10.17 -20.45
CA THR D 198 -5.81 -11.49 -19.94
C THR D 198 -5.52 -12.62 -20.92
N THR D 199 -4.82 -12.32 -22.01
CA THR D 199 -4.46 -13.32 -23.03
C THR D 199 -2.97 -13.16 -23.21
N PRO D 200 -2.35 -14.17 -23.78
CA PRO D 200 -0.98 -14.02 -24.24
C PRO D 200 -0.86 -12.77 -25.10
N PRO D 201 0.28 -12.05 -24.99
CA PRO D 201 1.40 -12.32 -24.15
C PRO D 201 1.35 -11.86 -22.75
N CYS D 202 0.13 -11.45 -22.29
CA CYS D 202 -0.11 -11.17 -20.85
C CYS D 202 0.72 -9.99 -20.30
N ASN D 203 0.99 -9.03 -21.18
CA ASN D 203 1.87 -7.93 -20.73
C ASN D 203 1.24 -7.17 -19.61
N PRO D 204 2.02 -6.77 -18.60
CA PRO D 204 1.50 -6.05 -17.44
C PRO D 204 1.41 -4.53 -17.68
N THR D 205 0.59 -4.20 -18.67
CA THR D 205 0.56 -2.84 -19.26
C THR D 205 -0.87 -2.27 -19.35
N VAL D 206 -1.79 -2.90 -18.65
CA VAL D 206 -3.17 -2.50 -18.71
C VAL D 206 -3.66 -1.80 -17.40
N LEU D 207 -4.18 -0.61 -17.56
CA LEU D 207 -4.95 -0.01 -16.52
C LEU D 207 -6.41 -0.46 -16.68
N TRP D 208 -6.89 -1.25 -15.75
CA TRP D 208 -8.29 -1.75 -15.80
C TRP D 208 -9.33 -0.88 -15.13
N THR D 209 -10.46 -0.69 -15.82
CA THR D 209 -11.60 -0.09 -15.22
C THR D 209 -12.70 -1.13 -15.39
N VAL D 210 -13.29 -1.58 -14.28
CA VAL D 210 -14.40 -2.56 -14.30
C VAL D 210 -15.60 -1.79 -13.73
N PHE D 211 -16.65 -1.60 -14.53
CA PHE D 211 -17.79 -0.85 -14.00
C PHE D 211 -18.49 -1.64 -12.86
N ARG D 212 -18.96 -0.91 -11.87
CA ARG D 212 -19.59 -1.59 -10.71
C ARG D 212 -20.87 -2.33 -11.10
N ASN D 213 -21.67 -1.77 -11.96
CA ASN D 213 -22.98 -2.37 -12.31
C ASN D 213 -22.84 -3.22 -13.61
N PRO D 214 -23.47 -4.39 -13.67
CA PRO D 214 -23.53 -5.15 -14.94
C PRO D 214 -24.59 -4.65 -15.87
N VAL D 215 -24.52 -5.08 -17.11
CA VAL D 215 -25.65 -5.01 -18.03
C VAL D 215 -26.28 -6.37 -18.15
N GLN D 216 -27.41 -6.45 -18.83
CA GLN D 216 -28.08 -7.73 -19.06
C GLN D 216 -28.19 -8.00 -20.56
N ILE D 217 -28.09 -9.26 -20.92
CA ILE D 217 -28.50 -9.73 -22.23
C ILE D 217 -29.30 -11.03 -21.98
N SER D 218 -30.10 -11.45 -22.95
CA SER D 218 -30.96 -12.63 -22.69
C SER D 218 -30.28 -13.92 -22.76
N GLN D 219 -30.96 -14.95 -22.24
N GLN D 219 -30.98 -14.95 -22.25
CA GLN D 219 -30.39 -16.26 -22.36
CA GLN D 219 -30.53 -16.31 -22.42
C GLN D 219 -30.30 -16.71 -23.85
C GLN D 219 -30.23 -16.63 -23.90
N GLU D 220 -31.16 -16.19 -24.72
CA GLU D 220 -31.11 -16.56 -26.14
C GLU D 220 -29.92 -15.84 -26.77
N GLN D 221 -29.63 -14.60 -26.34
CA GLN D 221 -28.39 -13.97 -26.83
C GLN D 221 -27.13 -14.66 -26.36
N LEU D 222 -27.11 -15.07 -25.09
CA LEU D 222 -25.95 -15.73 -24.54
C LEU D 222 -25.78 -17.07 -25.24
N LEU D 223 -26.90 -17.79 -25.50
CA LEU D 223 -26.78 -19.09 -26.19
C LEU D 223 -26.23 -18.93 -27.60
N ALA D 224 -26.64 -17.86 -28.31
CA ALA D 224 -26.13 -17.64 -29.67
C ALA D 224 -24.63 -17.35 -29.61
N LEU D 225 -24.24 -16.53 -28.64
CA LEU D 225 -22.83 -16.18 -28.48
C LEU D 225 -21.99 -17.46 -28.20
N GLU D 226 -22.54 -18.34 -27.38
CA GLU D 226 -21.84 -19.54 -26.90
C GLU D 226 -21.80 -20.63 -27.95
N THR D 227 -22.63 -20.57 -28.97
CA THR D 227 -22.76 -21.70 -29.88
C THR D 227 -22.46 -21.29 -31.35
N ALA D 228 -22.29 -20.00 -31.68
CA ALA D 228 -22.14 -19.53 -33.07
C ALA D 228 -20.78 -19.81 -33.63
N LEU D 229 -19.75 -19.82 -32.78
CA LEU D 229 -18.40 -19.62 -33.26
C LEU D 229 -17.49 -20.80 -33.02
N TYR D 230 -16.56 -20.93 -33.98
CA TYR D 230 -15.42 -21.87 -33.86
C TYR D 230 -14.11 -21.15 -33.79
N CYS D 231 -13.16 -21.76 -33.08
CA CYS D 231 -11.82 -21.20 -32.96
C CYS D 231 -11.00 -21.51 -34.23
N THR D 232 -11.47 -22.53 -34.96
CA THR D 232 -10.71 -23.06 -36.09
C THR D 232 -11.19 -22.49 -37.43
N HIS D 233 -10.30 -22.57 -38.42
CA HIS D 233 -10.62 -22.25 -39.82
C HIS D 233 -11.59 -23.26 -40.33
N MET D 234 -12.40 -22.83 -41.28
CA MET D 234 -13.46 -23.63 -41.80
C MET D 234 -12.91 -24.96 -42.35
N ASP D 235 -11.61 -25.00 -42.71
CA ASP D 235 -11.08 -26.24 -43.28
C ASP D 235 -10.26 -27.08 -42.29
N ASP D 236 -10.31 -26.77 -41.00
CA ASP D 236 -9.58 -27.53 -40.09
C ASP D 236 -10.28 -28.86 -39.96
N PRO D 237 -9.51 -29.94 -40.17
CA PRO D 237 -10.09 -31.26 -39.95
C PRO D 237 -10.37 -31.52 -38.48
N SER D 238 -9.88 -30.65 -37.57
CA SER D 238 -10.10 -30.87 -36.16
C SER D 238 -10.83 -29.63 -35.56
N PRO D 239 -12.12 -29.47 -35.85
CA PRO D 239 -12.78 -28.23 -35.33
C PRO D 239 -12.89 -28.12 -33.86
N ARG D 240 -12.81 -26.89 -33.37
CA ARG D 240 -12.93 -26.66 -31.93
C ARG D 240 -13.89 -25.48 -31.69
N GLU D 241 -14.90 -25.74 -30.87
CA GLU D 241 -15.87 -24.68 -30.52
C GLU D 241 -15.23 -23.59 -29.74
N MET D 242 -15.71 -22.33 -29.99
CA MET D 242 -15.19 -21.20 -29.20
C MET D 242 -16.09 -21.04 -27.98
N ILE D 243 -15.69 -21.67 -26.87
CA ILE D 243 -16.45 -21.70 -25.60
C ILE D 243 -15.39 -21.53 -24.47
N ASN D 244 -15.87 -21.06 -23.34
CA ASN D 244 -15.04 -20.96 -22.15
C ASN D 244 -13.72 -20.21 -22.43
N ASN D 245 -13.81 -19.10 -23.16
CA ASN D 245 -12.65 -18.31 -23.55
C ASN D 245 -12.40 -17.18 -22.51
N PHE D 246 -12.28 -17.60 -21.21
CA PHE D 246 -11.92 -16.68 -20.13
C PHE D 246 -10.71 -17.28 -19.42
N ARG D 247 -9.88 -16.43 -18.84
CA ARG D 247 -8.80 -16.91 -17.95
C ARG D 247 -9.29 -16.98 -16.53
N GLN D 248 -8.74 -17.93 -15.70
CA GLN D 248 -9.03 -17.97 -14.27
C GLN D 248 -8.48 -16.69 -13.60
N VAL D 249 -9.12 -16.33 -12.48
CA VAL D 249 -8.60 -15.20 -11.68
C VAL D 249 -7.18 -15.50 -11.12
N GLN D 250 -6.41 -14.43 -10.93
CA GLN D 250 -4.97 -14.47 -10.59
C GLN D 250 -4.69 -13.97 -9.18
N LYS D 251 -3.54 -14.38 -8.68
CA LYS D 251 -3.10 -13.86 -7.38
C LYS D 251 -2.98 -12.33 -7.42
N PHE D 252 -3.32 -11.77 -6.28
CA PHE D 252 -3.21 -10.28 -6.15
C PHE D 252 -1.83 -9.67 -6.07
N ASP D 253 -0.79 -10.42 -5.63
CA ASP D 253 0.59 -9.89 -5.65
C ASP D 253 0.60 -8.51 -4.93
N GLU D 254 -0.16 -8.42 -3.85
CA GLU D 254 -0.15 -7.25 -2.92
C GLU D 254 -0.84 -6.00 -3.50
N ARG D 255 -1.48 -6.15 -4.66
CA ARG D 255 -2.31 -5.06 -5.23
C ARG D 255 -3.54 -4.82 -4.38
N LEU D 256 -4.00 -3.56 -4.34
CA LEU D 256 -5.35 -3.27 -3.94
C LEU D 256 -6.14 -2.87 -5.25
N VAL D 257 -7.45 -2.93 -5.18
CA VAL D 257 -8.32 -2.44 -6.24
C VAL D 257 -8.97 -1.21 -5.67
N TYR D 258 -8.85 -0.13 -6.41
CA TYR D 258 -9.37 1.18 -5.88
C TYR D 258 -10.73 1.41 -6.42
N THR D 259 -11.57 2.04 -5.65
CA THR D 259 -12.98 2.15 -6.08
C THR D 259 -13.41 3.63 -6.06
N SER D 260 -14.33 3.96 -6.91
CA SER D 260 -14.85 5.35 -6.94
C SER D 260 -16.12 5.52 -6.11
N PHE D 261 -16.47 4.50 -5.35
CA PHE D 261 -17.72 4.47 -4.57
C PHE D 261 -17.34 3.87 -3.20
N SER D 262 -18.10 4.21 -2.14
CA SER D 262 -18.06 3.41 -0.90
C SER D 262 -19.23 2.41 -0.69
ZN ZN E . 14.59 8.10 20.68
C1 EDO F . 16.10 16.89 38.86
O1 EDO F . 14.69 16.88 38.77
C2 EDO F . 16.62 16.92 40.32
O2 EDO F . 16.48 15.65 41.00
O16 WWX G . 21.42 2.44 20.41
S14 WWX G . 20.22 1.94 19.57
O15 WWX G . 19.66 0.78 20.46
C18 WWX G . 21.64 -0.13 18.45
O20 WWX G . 22.95 0.39 18.38
C17 WWX G . 20.74 1.06 18.07
C8 WWX G . 18.95 3.18 19.29
C7 WWX G . 17.73 2.64 18.87
F12 WWX G . 17.59 1.29 18.66
C6 WWX G . 16.64 3.50 18.67
F11 WWX G . 15.48 2.97 18.26
C9 WWX G . 19.11 4.58 19.43
C10 WWX G . 18.01 5.41 19.18
F13 WWX G . 17.98 6.71 19.30
C5 WWX G . 16.79 4.85 18.80
S1 WWX G . 15.36 5.90 18.66
O3 WWX G . 14.72 5.68 17.30
N4 WWX G . 15.36 7.50 18.92
O2 WWX G . 14.43 5.24 19.70
N19 WWX G . 20.37 5.09 19.82
C21 WWX G . 21.10 5.93 18.82
C30 WWX G . 21.79 4.98 17.87
C35 WWX G . 21.09 4.57 16.72
C34 WWX G . 21.71 3.61 15.82
C33 WWX G . 23.00 3.12 16.07
C32 WWX G . 23.68 3.58 17.20
C31 WWX G . 23.09 4.49 18.09
C22 WWX G . 22.08 6.94 19.47
O29 WWX G . 22.64 7.67 18.46
C23 WWX G . 21.21 7.75 20.35
C28 WWX G . 20.49 8.83 19.78
C27 WWX G . 19.55 9.54 20.55
C26 WWX G . 19.40 9.14 21.85
C25 WWX G . 20.20 8.08 22.41
C24 WWX G . 21.09 7.31 21.66
ZN ZN H . 5.77 28.33 -2.69
C1 EDO I . 5.40 46.54 6.73
O1 EDO I . 5.25 45.11 6.58
C2 EDO I . 6.87 47.00 7.00
O2 EDO I . 7.14 46.95 8.42
O16 WWX J . 7.40 27.43 -8.90
S14 WWX J . 8.92 27.14 -8.70
O15 WWX J . 9.50 28.10 -9.76
C18 WWX J . 10.35 24.99 -8.10
O20 WWX J . 11.35 25.84 -8.50
C17 WWX J . 9.16 25.36 -8.94
C8 WWX J . 9.01 27.87 -7.10
C7 WWX J . 8.31 27.10 -6.19
F12 WWX J . 7.66 25.88 -6.55
C6 WWX J . 8.33 27.58 -4.89
F11 WWX J . 7.58 26.75 -4.09
C9 WWX J . 9.64 29.09 -6.74
C10 WWX J . 9.59 29.57 -5.37
F13 WWX J . 10.10 30.71 -4.83
C5 WWX J . 8.91 28.81 -4.43
S1 WWX J . 8.64 29.46 -2.66
O3 WWX J . 9.68 29.58 -1.60
N4 WWX J . 7.46 28.27 -2.29
O2 WWX J . 7.82 30.65 -2.62
N19 WWX J . 10.29 29.71 -7.77
C21 WWX J . 11.59 30.32 -7.47
C30 WWX J . 11.59 31.84 -7.58
C35 WWX J . 10.72 32.49 -8.38
C34 WWX J . 10.70 33.87 -8.43
C33 WWX J . 11.64 34.59 -7.67
C32 WWX J . 12.56 33.94 -6.80
C31 WWX J . 12.53 32.52 -6.73
C22 WWX J . 12.72 29.50 -8.14
O29 WWX J . 12.35 28.76 -9.27
C23 WWX J . 14.03 30.23 -8.31
C28 WWX J . 15.01 29.90 -7.33
C27 WWX J . 16.28 30.54 -7.36
C26 WWX J . 16.57 31.47 -8.37
C25 WWX J . 15.59 31.79 -9.35
C24 WWX J . 14.31 31.20 -9.34
ZN ZN K . -1.83 -29.26 0.46
C1 EDO L . 10.22 -30.06 -0.40
O1 EDO L . 9.24 -29.35 -1.09
C2 EDO L . 9.64 -31.34 0.13
O2 EDO L . 9.11 -31.00 1.39
O16 WWX M . 5.14 -34.77 0.03
S14 WWX M . 3.93 -35.45 -0.71
O15 WWX M . 3.24 -36.24 0.38
C18 WWX M . 5.36 -37.54 -1.97
O20 WWX M . 6.69 -37.15 -1.68
C17 WWX M . 4.49 -36.29 -2.21
C8 WWX M . 2.58 -34.25 -0.98
C7 WWX M . 1.32 -34.75 -1.31
F12 WWX M . 1.14 -36.09 -1.47
C6 WWX M . 0.20 -33.94 -1.51
F11 WWX M . -1.04 -34.50 -1.80
C9 WWX M . 2.68 -32.82 -0.88
C10 WWX M . 1.54 -31.99 -1.04
F13 WWX M . 1.65 -30.64 -0.96
C5 WWX M . 0.28 -32.55 -1.37
S1 WWX M . -1.26 -31.54 -1.52
O3 WWX M . -1.93 -31.97 -2.80
N4 WWX M . -1.26 -29.77 -1.48
O2 WWX M . -2.04 -32.00 -0.33
N19 WWX M . 3.93 -32.17 -0.54
C21 WWX M . 4.67 -31.48 -1.58
C30 WWX M . 5.39 -32.43 -2.50
C35 WWX M . 4.81 -32.89 -3.71
C34 WWX M . 5.49 -33.80 -4.57
C33 WWX M . 6.78 -34.29 -4.26
C32 WWX M . 7.31 -33.81 -3.05
C31 WWX M . 6.68 -32.96 -2.15
C22 WWX M . 5.61 -30.36 -0.94
O29 WWX M . 6.36 -29.78 -1.97
C23 WWX M . 4.75 -29.50 -0.13
C28 WWX M . 4.20 -28.33 -0.79
C27 WWX M . 3.28 -27.56 -0.07
C26 WWX M . 2.93 -27.86 1.22
C25 WWX M . 3.50 -29.01 1.89
C24 WWX M . 4.41 -29.81 1.21
ZN ZN N . -10.56 -9.39 -23.18
C1 EDO O . -10.65 9.15 -14.02
O1 EDO O . -10.99 7.80 -14.24
C2 EDO O . -9.67 9.41 -12.86
O2 EDO O . -8.70 8.39 -12.70
C1 EDO P . -8.45 -0.90 -36.37
O1 EDO P . -8.94 -0.64 -35.07
C2 EDO P . -9.38 -0.32 -37.45
O2 EDO P . -9.87 0.95 -37.01
C1 EDO Q . -28.52 -13.10 -31.93
O1 EDO Q . -29.09 -12.88 -30.63
C2 EDO Q . -29.38 -12.71 -33.20
O2 EDO Q . -29.81 -11.32 -33.31
O16 WWX R . -5.48 -6.75 -29.67
O16 WWX R . -5.44 -6.76 -29.67
S14 WWX R . -4.97 -6.07 -28.38
S14 WWX R . -4.98 -6.07 -28.37
O15 WWX R . -5.46 -4.63 -28.50
O15 WWX R . -5.45 -4.61 -28.51
C18 WWX R . -2.60 -5.10 -29.47
C18 WWX R . -2.33 -5.31 -29.17
O20 WWX R . -2.67 -5.82 -30.67
O20 WWX R . -1.25 -6.14 -29.50
C17 WWX R . -3.14 -6.04 -28.41
C17 WWX R . -3.17 -6.10 -28.18
C8 WWX R . -5.73 -6.77 -26.91
C8 WWX R . -5.76 -6.78 -26.91
C7 WWX R . -5.72 -5.99 -25.77
C7 WWX R . -5.73 -6.00 -25.77
F12 WWX R . -5.04 -4.80 -25.72
F12 WWX R . -5.06 -4.80 -25.74
C6 WWX R . -6.32 -6.44 -24.61
C6 WWX R . -6.32 -6.44 -24.61
F11 WWX R . -6.27 -5.68 -23.48
F11 WWX R . -6.28 -5.67 -23.47
C9 WWX R . -6.36 -8.04 -26.90
C9 WWX R . -6.37 -8.05 -26.90
C10 WWX R . -6.97 -8.46 -25.74
C10 WWX R . -6.97 -8.47 -25.73
F13 WWX R . -7.53 -9.68 -25.72
F13 WWX R . -7.52 -9.69 -25.71
C5 WWX R . -6.91 -7.70 -24.56
C5 WWX R . -6.92 -7.70 -24.56
S1 WWX R . -7.78 -8.09 -23.03
S1 WWX R . -7.79 -8.09 -23.03
O3 WWX R . -6.80 -8.11 -21.90
O3 WWX R . -6.79 -8.11 -21.90
N4 WWX R . -8.66 -9.54 -22.92
N4 WWX R . -8.66 -9.54 -22.92
O2 WWX R . -8.76 -6.93 -22.95
O2 WWX R . -8.77 -6.93 -22.95
N19 WWX R . -6.39 -8.88 -28.07
N19 WWX R . -6.40 -8.89 -28.07
C21 WWX R . -5.59 -10.13 -28.09
C21 WWX R . -5.60 -10.13 -28.09
C30 WWX R . -4.16 -9.81 -28.43
C30 WWX R . -4.16 -9.81 -28.43
C35 WWX R . -3.20 -9.67 -27.43
C35 WWX R . -3.20 -9.68 -27.44
C34 WWX R . -1.85 -9.37 -27.72
C34 WWX R . -1.86 -9.37 -27.71
C33 WWX R . -1.48 -9.20 -29.04
C33 WWX R . -1.49 -9.19 -29.04
C32 WWX R . -2.44 -9.33 -30.04
C32 WWX R . -2.45 -9.32 -30.04
C31 WWX R . -3.78 -9.64 -29.77
C31 WWX R . -3.79 -9.63 -29.76
C22 WWX R . -6.22 -11.17 -29.04
C22 WWX R . -6.22 -11.17 -29.04
O29 WWX R . -5.42 -12.33 -28.98
O29 WWX R . -5.42 -12.33 -28.98
C23 WWX R . -7.58 -11.40 -28.45
C23 WWX R . -7.58 -11.40 -28.45
C28 WWX R . -7.70 -12.43 -27.51
C28 WWX R . -7.70 -12.43 -27.51
C27 WWX R . -8.91 -12.66 -26.84
C27 WWX R . -8.91 -12.67 -26.84
C26 WWX R . -10.00 -11.86 -27.14
C26 WWX R . -10.00 -11.86 -27.14
C25 WWX R . -9.89 -10.85 -28.09
C25 WWX R . -9.89 -10.85 -28.09
C24 WWX R . -8.66 -10.57 -28.77
C24 WWX R . -8.66 -10.57 -28.77
#